data_2OKS
# 
_entry.id   2OKS 
# 
_audit_conform.dict_name       mmcif_pdbx.dic 
_audit_conform.dict_version    5.377 
_audit_conform.dict_location   http://mmcif.pdb.org/dictionaries/ascii/mmcif_pdbx.dic 
# 
loop_
_database_2.database_id 
_database_2.database_code 
_database_2.pdbx_database_accession 
_database_2.pdbx_DOI 
PDB   2OKS         pdb_00002oks 10.2210/pdb2oks/pdb 
NDB   BD0099       ?            ?                   
RCSB  RCSB041259   ?            ?                   
WWPDB D_1000041259 ?            ?                   
# 
_pdbx_database_related.db_name        PDB 
_pdbx_database_related.db_id          1EN8 
_pdbx_database_related.details        'An uncrosslinked DNA duplex of identical sequence without an interstrand crosslink.' 
_pdbx_database_related.content_type   unspecified 
# 
_pdbx_database_status.status_code                     REL 
_pdbx_database_status.entry_id                        2OKS 
_pdbx_database_status.recvd_initial_deposition_date   2007-01-17 
_pdbx_database_status.deposit_site                    RCSB 
_pdbx_database_status.process_site                    RCSB 
_pdbx_database_status.status_code_sf                  REL 
_pdbx_database_status.status_code_mr                  ? 
_pdbx_database_status.SG_entry                        ? 
_pdbx_database_status.status_code_cs                  ? 
_pdbx_database_status.methods_development_category    ? 
_pdbx_database_status.pdb_format_compatible           Y 
_pdbx_database_status.status_code_nmr_data            ? 
# 
loop_
_audit_author.name 
_audit_author.pdbx_ordinal 
'Swenson, M.C.'       1 
'Paranawithana, S.R.' 2 
'Miller, P.S.'        3 
'Kielkopf, C.L.'      4 
# 
_citation.id                        primary 
_citation.title                     
'Structure of a DNA repair substrate containing an alkyl interstrand cross-link at 1.65 a resolution.' 
_citation.journal_abbrev            Biochemistry 
_citation.journal_volume            46 
_citation.page_first                4545 
_citation.page_last                 4553 
_citation.year                      2007 
_citation.journal_id_ASTM           BICHAW 
_citation.country                   US 
_citation.journal_id_ISSN           0006-2960 
_citation.journal_id_CSD            0033 
_citation.book_publisher            ? 
_citation.pdbx_database_id_PubMed   17375936 
_citation.pdbx_database_id_DOI      10.1021/bi700109r 
# 
loop_
_citation_author.citation_id 
_citation_author.name 
_citation_author.ordinal 
_citation_author.identifier_ORCID 
primary 'Swenson, M.C.'       1 ? 
primary 'Paranawithana, S.R.' 2 ? 
primary 'Miller, P.S.'        3 ? 
primary 'Kielkopf, C.L.'      4 ? 
# 
_cell.entry_id           2OKS 
_cell.length_a           31.870 
_cell.length_b           24.890 
_cell.length_c           34.350 
_cell.angle_alpha        90.00 
_cell.angle_beta         114.50 
_cell.angle_gamma        90.00 
_cell.Z_PDB              4 
_cell.pdbx_unique_axis   ? 
_cell.length_a_esd       ? 
_cell.length_b_esd       ? 
_cell.length_c_esd       ? 
_cell.angle_alpha_esd    ? 
_cell.angle_beta_esd     ? 
_cell.angle_gamma_esd    ? 
# 
_symmetry.entry_id                         2OKS 
_symmetry.space_group_name_H-M             'C 1 2 1' 
_symmetry.pdbx_full_space_group_name_H-M   ? 
_symmetry.cell_setting                     ? 
_symmetry.Int_Tables_number                5 
_symmetry.space_group_name_Hall            ? 
# 
loop_
_entity.id 
_entity.type 
_entity.src_method 
_entity.pdbx_description 
_entity.formula_weight 
_entity.pdbx_number_of_molecules 
_entity.pdbx_ec 
_entity.pdbx_mutation 
_entity.pdbx_fragment 
_entity.details 
1 polymer     syn "5'-D(*CP*CP*AP*AP*(C34)P*GP*TP*TP*GP*G)-3'" 3059.031 1  ? ? ? 'N4C-ethyl-N4C crosslinked DNA' 
2 non-polymer syn 'CALCIUM ION'                                40.078   3  ? ? ? ?                               
3 water       nat water                                        18.015   75 ? ? ? ?                               
# 
_entity_poly.entity_id                      1 
_entity_poly.type                           polydeoxyribonucleotide 
_entity_poly.nstd_linkage                   no 
_entity_poly.nstd_monomer                   yes 
_entity_poly.pdbx_seq_one_letter_code       '(DC)(DC)(DA)(DA)(C34)(DG)(DT)(DT)(DG)(DG)' 
_entity_poly.pdbx_seq_one_letter_code_can   CCAACGTTGG 
_entity_poly.pdbx_strand_id                 A 
_entity_poly.pdbx_target_identifier         ? 
# 
loop_
_entity_poly_seq.entity_id 
_entity_poly_seq.num 
_entity_poly_seq.mon_id 
_entity_poly_seq.hetero 
1 1  DC  n 
1 2  DC  n 
1 3  DA  n 
1 4  DA  n 
1 5  C34 n 
1 6  DG  n 
1 7  DT  n 
1 8  DT  n 
1 9  DG  n 
1 10 DG  n 
# 
_pdbx_entity_src_syn.entity_id              1 
_pdbx_entity_src_syn.pdbx_src_id            1 
_pdbx_entity_src_syn.pdbx_alt_source_flag   sample 
_pdbx_entity_src_syn.pdbx_beg_seq_num       ? 
_pdbx_entity_src_syn.pdbx_end_seq_num       ? 
_pdbx_entity_src_syn.organism_scientific    ? 
_pdbx_entity_src_syn.organism_common_name   ? 
_pdbx_entity_src_syn.ncbi_taxonomy_id       ? 
_pdbx_entity_src_syn.details                'solid phase synthesis of DNA oligo, crosslink phosphoramidite synthesized separately' 
# 
_struct_ref.id                         1 
_struct_ref.entity_id                  1 
_struct_ref.db_name                    PDB 
_struct_ref.db_code                    2OKS 
_struct_ref.pdbx_db_accession          2OKS 
_struct_ref.pdbx_align_begin           ? 
_struct_ref.pdbx_seq_one_letter_code   ? 
_struct_ref.pdbx_db_isoform            ? 
# 
_struct_ref_seq.align_id                      1 
_struct_ref_seq.ref_id                        1 
_struct_ref_seq.pdbx_PDB_id_code              2OKS 
_struct_ref_seq.pdbx_strand_id                A 
_struct_ref_seq.seq_align_beg                 1 
_struct_ref_seq.pdbx_seq_align_beg_ins_code   ? 
_struct_ref_seq.seq_align_end                 10 
_struct_ref_seq.pdbx_seq_align_end_ins_code   ? 
_struct_ref_seq.pdbx_db_accession             2OKS 
_struct_ref_seq.db_align_beg                  1 
_struct_ref_seq.pdbx_db_align_beg_ins_code    ? 
_struct_ref_seq.db_align_end                  10 
_struct_ref_seq.pdbx_db_align_end_ins_code    ? 
_struct_ref_seq.pdbx_auth_seq_align_beg       1 
_struct_ref_seq.pdbx_auth_seq_align_end       10 
# 
loop_
_chem_comp.id 
_chem_comp.type 
_chem_comp.mon_nstd_flag 
_chem_comp.name 
_chem_comp.pdbx_synonyms 
_chem_comp.formula 
_chem_comp.formula_weight 
C34 'DNA linking' n "N4-METHYL-2'-DEOXY-CYTIDINE-5'-MONOPHOSPHATE" ? 'C10 H16 N3 O7 P' 321.224 
CA  non-polymer   . 'CALCIUM ION'                                  ? 'Ca 2'            40.078  
DA  'DNA linking' y "2'-DEOXYADENOSINE-5'-MONOPHOSPHATE"           ? 'C10 H14 N5 O6 P' 331.222 
DC  'DNA linking' y "2'-DEOXYCYTIDINE-5'-MONOPHOSPHATE"            ? 'C9 H14 N3 O7 P'  307.197 
DG  'DNA linking' y "2'-DEOXYGUANOSINE-5'-MONOPHOSPHATE"           ? 'C10 H14 N5 O7 P' 347.221 
DT  'DNA linking' y "THYMIDINE-5'-MONOPHOSPHATE"                   ? 'C10 H15 N2 O8 P' 322.208 
HOH non-polymer   . WATER                                          ? 'H2 O'            18.015  
# 
_exptl.entry_id          2OKS 
_exptl.method            'X-RAY DIFFRACTION' 
_exptl.crystals_number   1 
# 
_exptl_crystal.id                    1 
_exptl_crystal.density_meas          ? 
_exptl_crystal.density_Matthews      1.95 
_exptl_crystal.density_percent_sol   37.04 
_exptl_crystal.description           ? 
_exptl_crystal.F_000                 ? 
_exptl_crystal.preparation           ? 
# 
_exptl_crystal_grow.crystal_id      1 
_exptl_crystal_grow.method          ? 
_exptl_crystal_grow.temp            ? 
_exptl_crystal_grow.temp_details    ? 
_exptl_crystal_grow.pH              8.0 
_exptl_crystal_grow.pdbx_details    
;The purified crosslinked DNA was dissolved in a buffer containing 22 mM ammonium acetate, 11 mM tris-hydroxymethyl-aminomethane (Tris)-HCl pH 8.0, and 11 mM calcium acetate. Crystals were grown using the sitting drop vapor diffusion method at 277K, in which 3 uL of a reservoir solution containing 27% 2-3 methyl-pentadiol, 115 mM calcium acetate, and 10 mM Tris-HCl pH 8.0 was added to an equal volume of DNA solution, and the mixture was equilibrated against 700 uL of the reservoir solution. Crystals first appeared after two weeks.
;
_exptl_crystal_grow.pdbx_pH_range   . 
# 
loop_
_exptl_crystal_grow_comp.crystal_id 
_exptl_crystal_grow_comp.id 
_exptl_crystal_grow_comp.sol_id 
_exptl_crystal_grow_comp.name 
_exptl_crystal_grow_comp.volume 
_exptl_crystal_grow_comp.conc 
_exptl_crystal_grow_comp.details 
1 1 1 '2-3 methyl-pentadiol' ? ? ? 
1 2 1 'calcium acetate'      ? ? ? 
1 3 1 Tris-HCl               ? ? ? 
1 4 1 'ammonium acetate'     ? ? ? 
1 5 1 H2O                    ? ? ? 
1 6 2 '2-3 methyl-pentadiol' ? ? ? 
1 7 2 'calcium acetate'      ? ? ? 
1 8 2 Tris-HCl               ? ? ? 
1 9 2 H2O                    ? ? ? 
# 
_diffrn.id                     1 
_diffrn.ambient_temp           200 
_diffrn.ambient_temp_details   ? 
_diffrn.crystal_id             1 
# 
_diffrn_detector.diffrn_id              1 
_diffrn_detector.detector               'IMAGE PLATE' 
_diffrn_detector.type                   'RIGAKU RAXIS IV' 
_diffrn_detector.pdbx_collection_date   2004-08-01 
_diffrn_detector.details                ? 
# 
_diffrn_radiation.diffrn_id                        1 
_diffrn_radiation.wavelength_id                    1 
_diffrn_radiation.pdbx_monochromatic_or_laue_m_l   M 
_diffrn_radiation.monochromator                    'mirrors, graphite' 
_diffrn_radiation.pdbx_diffrn_protocol             'SINGLE WAVELENGTH' 
_diffrn_radiation.pdbx_scattering_type             x-ray 
# 
_diffrn_radiation_wavelength.id           1 
_diffrn_radiation_wavelength.wavelength   1.54 
_diffrn_radiation_wavelength.wt           1.0 
# 
_diffrn_source.diffrn_id                   1 
_diffrn_source.source                      'ROTATING ANODE' 
_diffrn_source.type                        RIGAKU 
_diffrn_source.pdbx_synchrotron_site       ? 
_diffrn_source.pdbx_synchrotron_beamline   ? 
_diffrn_source.pdbx_wavelength             1.54 
_diffrn_source.pdbx_wavelength_list        ? 
# 
_reflns.entry_id                     2OKS 
_reflns.observed_criterion_sigma_I   0 
_reflns.observed_criterion_sigma_F   0 
_reflns.d_resolution_low             40 
_reflns.d_resolution_high            1.65 
_reflns.number_obs                   2924 
_reflns.number_all                   3043 
_reflns.percent_possible_obs         96.1 
_reflns.pdbx_Rmerge_I_obs            ? 
_reflns.pdbx_Rsym_value              0.046 
_reflns.pdbx_netI_over_sigmaI        38.1 
_reflns.B_iso_Wilson_estimate        8.0 
_reflns.pdbx_redundancy              4.1 
_reflns.R_free_details               ? 
_reflns.pdbx_chi_squared             ? 
_reflns.pdbx_scaling_rejects         ? 
_reflns.pdbx_ordinal                 1 
_reflns.pdbx_diffrn_id               1 
# 
_reflns_shell.d_res_high             1.65 
_reflns_shell.d_res_low              1.71 
_reflns_shell.percent_possible_all   79.4 
_reflns_shell.Rmerge_I_obs           ? 
_reflns_shell.pdbx_Rsym_value        0.047 
_reflns_shell.meanI_over_sigI_obs    25.7 
_reflns_shell.pdbx_redundancy        2.56 
_reflns_shell.percent_possible_obs   ? 
_reflns_shell.number_unique_all      239 
_reflns_shell.number_measured_all    ? 
_reflns_shell.number_measured_obs    ? 
_reflns_shell.number_unique_obs      ? 
_reflns_shell.pdbx_chi_squared       ? 
_reflns_shell.pdbx_ordinal           1 
_reflns_shell.pdbx_diffrn_id         1 
# 
_refine.entry_id                                 2OKS 
_refine.ls_number_reflns_obs                     2924 
_refine.ls_number_reflns_all                     3043 
_refine.pdbx_ls_sigma_I                          0.0 
_refine.pdbx_ls_sigma_F                          0.0 
_refine.pdbx_data_cutoff_high_absF               992530.75 
_refine.pdbx_data_cutoff_low_absF                0.000000 
_refine.pdbx_data_cutoff_high_rms_absF           ? 
_refine.ls_d_res_low                             18.89 
_refine.ls_d_res_high                            1.65 
_refine.ls_percent_reflns_obs                    96.1 
_refine.ls_R_factor_obs                          ? 
_refine.ls_R_factor_all                          ? 
_refine.ls_R_factor_R_work                       0.182 
_refine.ls_R_factor_R_free                       0.208 
_refine.ls_R_factor_R_free_error                 0.016 
_refine.ls_R_factor_R_free_error_details         ? 
_refine.ls_percent_reflns_R_free                 5.5 
_refine.ls_number_reflns_R_free                  162 
_refine.ls_number_parameters                     ? 
_refine.ls_number_restraints                     ? 
_refine.occupancy_min                            ? 
_refine.occupancy_max                            ? 
_refine.correlation_coeff_Fo_to_Fc               ? 
_refine.correlation_coeff_Fo_to_Fc_free          ? 
_refine.B_iso_mean                               12.8 
_refine.aniso_B[1][1]                            -0.86 
_refine.aniso_B[2][2]                            0.62 
_refine.aniso_B[3][3]                            0.24 
_refine.aniso_B[1][2]                            0.00 
_refine.aniso_B[1][3]                            0.75 
_refine.aniso_B[2][3]                            0.00 
_refine.solvent_model_details                    'FLAT MODEL' 
_refine.solvent_model_param_ksol                 0.353499 
_refine.solvent_model_param_bsol                 25.6312 
_refine.pdbx_solvent_vdw_probe_radii             ? 
_refine.pdbx_solvent_ion_probe_radii             ? 
_refine.pdbx_solvent_shrinkage_radii             ? 
_refine.pdbx_ls_cross_valid_method               THROUGHOUT 
_refine.details                                  ? 
_refine.pdbx_starting_model                      'PDB ENTRY 1EN8' 
_refine.pdbx_method_to_determine_struct          'FOURIER SYNTHESIS' 
_refine.pdbx_isotropic_thermal_model             'isotropic individual' 
_refine.pdbx_stereochemistry_target_values       ? 
_refine.pdbx_stereochem_target_val_spec_case     ? 
_refine.pdbx_R_Free_selection_details            RANDOM 
_refine.pdbx_overall_ESU_R                       ? 
_refine.pdbx_overall_ESU_R_Free                  ? 
_refine.overall_SU_ML                            ? 
_refine.overall_SU_B                             ? 
_refine.ls_redundancy_reflns_obs                 ? 
_refine.overall_SU_R_Cruickshank_DPI             ? 
_refine.overall_SU_R_free                        ? 
_refine.ls_wR_factor_R_free                      ? 
_refine.ls_wR_factor_R_work                      ? 
_refine.overall_FOM_free_R_set                   ? 
_refine.overall_FOM_work_R_set                   ? 
_refine.pdbx_refine_id                           'X-RAY DIFFRACTION' 
_refine.pdbx_diffrn_id                           1 
_refine.pdbx_overall_phase_error                 ? 
_refine.pdbx_TLS_residual_ADP_flag               ? 
_refine.pdbx_overall_SU_R_free_Cruickshank_DPI   ? 
_refine.pdbx_overall_SU_R_Blow_DPI               ? 
_refine.pdbx_overall_SU_R_free_Blow_DPI          ? 
# 
_refine_analyze.entry_id                        2OKS 
_refine_analyze.Luzzati_coordinate_error_obs    0.18 
_refine_analyze.Luzzati_sigma_a_obs             0.15 
_refine_analyze.Luzzati_d_res_low_obs           5.00 
_refine_analyze.Luzzati_coordinate_error_free   0.18 
_refine_analyze.Luzzati_sigma_a_free            ? 
_refine_analyze.Luzzati_d_res_low_free          ? 
_refine_analyze.number_disordered_residues      ? 
_refine_analyze.occupancy_sum_hydrogen          ? 
_refine_analyze.occupancy_sum_non_hydrogen      ? 
_refine_analyze.pdbx_refine_id                  'X-RAY DIFFRACTION' 
# 
_refine_hist.pdbx_refine_id                   'X-RAY DIFFRACTION' 
_refine_hist.cycle_id                         LAST 
_refine_hist.pdbx_number_atoms_protein        0 
_refine_hist.pdbx_number_atoms_nucleic_acid   203 
_refine_hist.pdbx_number_atoms_ligand         3 
_refine_hist.number_atoms_solvent             75 
_refine_hist.number_atoms_total               281 
_refine_hist.d_res_high                       1.65 
_refine_hist.d_res_low                        18.89 
# 
loop_
_refine_ls_restr.type 
_refine_ls_restr.dev_ideal 
_refine_ls_restr.dev_ideal_target 
_refine_ls_restr.weight 
_refine_ls_restr.number 
_refine_ls_restr.pdbx_refine_id 
_refine_ls_restr.pdbx_restraint_function 
c_bond_d           0.012 ?    ? ? 'X-RAY DIFFRACTION' ? 
c_angle_deg        1.1   ?    ? ? 'X-RAY DIFFRACTION' ? 
c_dihedral_angle_d 21.3  ?    ? ? 'X-RAY DIFFRACTION' ? 
c_improper_angle_d 2.14  ?    ? ? 'X-RAY DIFFRACTION' ? 
c_mcbond_it        1.34  1.50 ? ? 'X-RAY DIFFRACTION' ? 
c_mcangle_it       1.89  2.00 ? ? 'X-RAY DIFFRACTION' ? 
c_scbond_it        ?     2.00 ? ? 'X-RAY DIFFRACTION' ? 
c_scangle_it       ?     2.50 ? ? 'X-RAY DIFFRACTION' ? 
# 
_refine_ls_shell.pdbx_total_number_of_bins_used   6 
_refine_ls_shell.d_res_high                       1.65 
_refine_ls_shell.d_res_low                        1.75 
_refine_ls_shell.number_reflns_R_work             403 
_refine_ls_shell.R_factor_R_work                  0.24 
_refine_ls_shell.percent_reflns_obs               85.7 
_refine_ls_shell.R_factor_R_free                  0.229 
_refine_ls_shell.R_factor_R_free_error            0.044 
_refine_ls_shell.percent_reflns_R_free            6.3 
_refine_ls_shell.number_reflns_R_free             27 
_refine_ls_shell.number_reflns_all                ? 
_refine_ls_shell.R_factor_all                     ? 
_refine_ls_shell.number_reflns_obs                ? 
_refine_ls_shell.redundancy_reflns_obs            ? 
_refine_ls_shell.pdbx_refine_id                   'X-RAY DIFFRACTION' 
# 
loop_
_pdbx_xplor_file.serial_no 
_pdbx_xplor_file.param_file 
_pdbx_xplor_file.topol_file 
_pdbx_xplor_file.pdbx_refine_id 
1 xlink2.param    xlink2.top 'X-RAY DIFFRACTION' 
2 water_rep.param water.top  'X-RAY DIFFRACTION' 
3 ion.param       ion.top    'X-RAY DIFFRACTION' 
# 
_struct.entry_id                  2OKS 
_struct.title                     
'X-ray Structure of a DNA Repair Substrate Containing an Alkyl Interstrand Crosslink at 1.65 Resolution' 
_struct.pdbx_model_details        ? 
_struct.pdbx_CASP_flag            ? 
_struct.pdbx_model_type_details   ? 
# 
_struct_keywords.entry_id        2OKS 
_struct_keywords.pdbx_keywords   DNA 
_struct_keywords.text            'INTERSTRAND CROSSLINK, DNA, DNA DAMAGE' 
# 
loop_
_struct_asym.id 
_struct_asym.pdbx_blank_PDB_chainid_flag 
_struct_asym.pdbx_modified 
_struct_asym.entity_id 
_struct_asym.details 
A N N 1 ? 
B N N 2 ? 
C N N 2 ? 
D N N 2 ? 
E N N 3 ? 
# 
_struct_biol.id        1 
_struct_biol.details   'The biological assembly is a double-stranded DNA generated by the crystallographic two-fold axis' 
# 
loop_
_struct_conn.id 
_struct_conn.conn_type_id 
_struct_conn.pdbx_leaving_atom_flag 
_struct_conn.pdbx_PDB_id 
_struct_conn.ptnr1_label_asym_id 
_struct_conn.ptnr1_label_comp_id 
_struct_conn.ptnr1_label_seq_id 
_struct_conn.ptnr1_label_atom_id 
_struct_conn.pdbx_ptnr1_label_alt_id 
_struct_conn.pdbx_ptnr1_PDB_ins_code 
_struct_conn.pdbx_ptnr1_standard_comp_id 
_struct_conn.ptnr1_symmetry 
_struct_conn.ptnr2_label_asym_id 
_struct_conn.ptnr2_label_comp_id 
_struct_conn.ptnr2_label_seq_id 
_struct_conn.ptnr2_label_atom_id 
_struct_conn.pdbx_ptnr2_label_alt_id 
_struct_conn.pdbx_ptnr2_PDB_ins_code 
_struct_conn.ptnr1_auth_asym_id 
_struct_conn.ptnr1_auth_comp_id 
_struct_conn.ptnr1_auth_seq_id 
_struct_conn.ptnr2_auth_asym_id 
_struct_conn.ptnr2_auth_comp_id 
_struct_conn.ptnr2_auth_seq_id 
_struct_conn.ptnr2_symmetry 
_struct_conn.pdbx_ptnr3_label_atom_id 
_struct_conn.pdbx_ptnr3_label_seq_id 
_struct_conn.pdbx_ptnr3_label_comp_id 
_struct_conn.pdbx_ptnr3_label_asym_id 
_struct_conn.pdbx_ptnr3_label_alt_id 
_struct_conn.pdbx_ptnr3_PDB_ins_code 
_struct_conn.details 
_struct_conn.pdbx_dist_value 
_struct_conn.pdbx_value_order 
_struct_conn.pdbx_role 
covale1  covale both ? A DA  4  "O3'" ? ? ? 1_555 A C34 5  P  ? ? A DA  4   A C34 5   1_555 ? ? ? ? ? ? ?            1.600 ? ? 
covale2  covale none ? A C34 5  C7    ? ? ? 1_555 A C34 5  C7 ? ? A C34 5   A C34 5   2_656 ? ? ? ? ? ? ?            1.569 ? ? 
covale3  covale both ? A C34 5  "O3'" ? ? ? 1_555 A DG  6  P  ? ? A C34 5   A DG  6   1_555 ? ? ? ? ? ? ?            1.631 ? ? 
metalc1  metalc ?    ? A DG  6  OP2   ? ? ? 4_646 D CA  .  CA ? ? A DG  6   A CA  103 1_555 ? ? ? ? ? ? ?            2.443 ? ? 
metalc2  metalc ?    ? A DT  7  OP1   ? ? ? 1_555 D CA  .  CA ? ? A DT  7   A CA  103 1_555 ? ? ? ? ? ? ?            2.440 ? ? 
metalc3  metalc ?    ? A DG  9  N7    ? ? ? 1_555 C CA  .  CA ? ? A DG  9   A CA  102 1_555 ? ? ? ? ? ? ?            2.666 ? ? 
metalc4  metalc ?    ? A DG  10 O6    ? ? ? 1_555 C CA  .  CA ? ? A DG  10  A CA  102 1_555 ? ? ? ? ? ? ?            2.954 ? ? 
metalc5  metalc ?    ? B CA  .  CA    ? ? ? 1_555 E HOH .  O  ? ? A CA  101 A HOH 201 4_555 ? ? ? ? ? ? ?            2.191 ? ? 
metalc6  metalc ?    ? B CA  .  CA    ? ? ? 1_555 E HOH .  O  ? ? A CA  101 A HOH 201 3_555 ? ? ? ? ? ? ?            2.703 ? ? 
metalc7  metalc ?    ? B CA  .  CA    ? ? ? 1_555 E HOH .  O  ? ? A CA  101 A HOH 202 1_555 ? ? ? ? ? ? ?            2.472 ? ? 
metalc8  metalc ?    ? B CA  .  CA    ? ? ? 1_555 E HOH .  O  ? ? A CA  101 A HOH 203 1_555 ? ? ? ? ? ? ?            2.509 ? ? 
metalc9  metalc ?    ? B CA  .  CA    ? ? ? 1_555 E HOH .  O  ? ? A CA  101 A HOH 204 1_555 ? ? ? ? ? ? ?            2.212 ? ? 
metalc10 metalc ?    ? B CA  .  CA    ? ? ? 1_555 E HOH .  O  ? ? A CA  101 A HOH 204 2_655 ? ? ? ? ? ? ?            2.950 ? ? 
metalc11 metalc ?    ? C CA  .  CA    ? ? ? 1_555 E HOH .  O  ? ? A CA  102 A HOH 209 1_555 ? ? ? ? ? ? ?            2.769 ? ? 
metalc12 metalc ?    ? C CA  .  CA    ? ? ? 1_555 E HOH .  O  ? ? A CA  102 A HOH 209 2_655 ? ? ? ? ? ? ?            3.098 ? ? 
metalc13 metalc ?    ? C CA  .  CA    ? ? ? 1_555 E HOH .  O  ? ? A CA  102 A HOH 210 1_555 ? ? ? ? ? ? ?            2.059 ? ? 
metalc14 metalc ?    ? C CA  .  CA    ? ? ? 1_555 E HOH .  O  ? ? A CA  102 A HOH 211 1_555 ? ? ? ? ? ? ?            2.321 ? ? 
metalc15 metalc ?    ? C CA  .  CA    ? ? ? 1_555 E HOH .  O  ? ? A CA  102 A HOH 212 1_555 ? ? ? ? ? ? ?            3.126 ? ? 
metalc16 metalc ?    ? C CA  .  CA    ? ? ? 1_555 E HOH .  O  ? ? A CA  102 A HOH 213 1_555 ? ? ? ? ? ? ?            2.723 ? ? 
metalc17 metalc ?    ? D CA  .  CA    ? ? ? 1_555 E HOH .  O  ? ? A CA  103 A HOH 214 1_555 ? ? ? ? ? ? ?            2.391 ? ? 
metalc18 metalc ?    ? D CA  .  CA    ? ? ? 1_555 E HOH .  O  ? ? A CA  103 A HOH 215 1_555 ? ? ? ? ? ? ?            2.507 ? ? 
metalc19 metalc ?    ? D CA  .  CA    ? ? ? 1_555 E HOH .  O  ? ? A CA  103 A HOH 216 1_555 ? ? ? ? ? ? ?            2.455 ? ? 
metalc20 metalc ?    ? D CA  .  CA    ? ? ? 1_555 E HOH .  O  ? ? A CA  103 A HOH 217 1_555 ? ? ? ? ? ? ?            2.461 ? ? 
hydrog1  hydrog ?    ? A DC  1  N3    ? ? ? 1_555 A DG  10 N1 ? ? A DC  1   A DG  10  2_656 ? ? ? ? ? ? WATSON-CRICK ?     ? ? 
hydrog2  hydrog ?    ? A DC  1  N4    ? ? ? 1_555 A DG  10 O6 ? ? A DC  1   A DG  10  2_656 ? ? ? ? ? ? WATSON-CRICK ?     ? ? 
hydrog3  hydrog ?    ? A DC  1  O2    ? ? ? 1_555 A DG  10 N2 ? ? A DC  1   A DG  10  2_656 ? ? ? ? ? ? WATSON-CRICK ?     ? ? 
hydrog4  hydrog ?    ? A DC  2  N3    ? ? ? 1_555 A DG  9  N1 ? ? A DC  2   A DG  9   2_656 ? ? ? ? ? ? WATSON-CRICK ?     ? ? 
hydrog5  hydrog ?    ? A DC  2  N4    ? ? ? 1_555 A DG  9  O6 ? ? A DC  2   A DG  9   2_656 ? ? ? ? ? ? WATSON-CRICK ?     ? ? 
hydrog6  hydrog ?    ? A DC  2  O2    ? ? ? 1_555 A DG  9  N2 ? ? A DC  2   A DG  9   2_656 ? ? ? ? ? ? WATSON-CRICK ?     ? ? 
hydrog7  hydrog ?    ? A DA  3  N1    ? ? ? 1_555 A DT  8  N3 ? ? A DA  3   A DT  8   2_656 ? ? ? ? ? ? WATSON-CRICK ?     ? ? 
hydrog8  hydrog ?    ? A DA  3  N6    ? ? ? 1_555 A DT  8  O4 ? ? A DA  3   A DT  8   2_656 ? ? ? ? ? ? WATSON-CRICK ?     ? ? 
hydrog9  hydrog ?    ? A DA  4  N1    ? ? ? 1_555 A DT  7  N3 ? ? A DA  4   A DT  7   2_656 ? ? ? ? ? ? WATSON-CRICK ?     ? ? 
hydrog10 hydrog ?    ? A DA  4  N6    ? ? ? 1_555 A DT  7  O4 ? ? A DA  4   A DT  7   2_656 ? ? ? ? ? ? WATSON-CRICK ?     ? ? 
hydrog11 hydrog ?    ? A C34 5  N3    ? ? ? 1_555 A DG  6  N1 ? ? A C34 5   A DG  6   2_656 ? ? ? ? ? ? WATSON-CRICK ?     ? ? 
hydrog12 hydrog ?    ? A C34 5  N4    ? ? ? 1_555 A DG  6  O6 ? ? A C34 5   A DG  6   2_656 ? ? ? ? ? ? WATSON-CRICK ?     ? ? 
hydrog13 hydrog ?    ? A C34 5  O2    ? ? ? 1_555 A DG  6  N2 ? ? A C34 5   A DG  6   2_656 ? ? ? ? ? ? WATSON-CRICK ?     ? ? 
hydrog14 hydrog ?    ? A DG  6  N1    ? ? ? 1_555 A C34 5  N3 ? ? A DG  6   A C34 5   2_656 ? ? ? ? ? ? WATSON-CRICK ?     ? ? 
hydrog15 hydrog ?    ? A DG  6  N2    ? ? ? 1_555 A C34 5  O2 ? ? A DG  6   A C34 5   2_656 ? ? ? ? ? ? WATSON-CRICK ?     ? ? 
hydrog16 hydrog ?    ? A DG  6  O6    ? ? ? 1_555 A C34 5  N4 ? ? A DG  6   A C34 5   2_656 ? ? ? ? ? ? WATSON-CRICK ?     ? ? 
hydrog17 hydrog ?    ? A DT  7  N3    ? ? ? 1_555 A DA  4  N1 ? ? A DT  7   A DA  4   2_656 ? ? ? ? ? ? WATSON-CRICK ?     ? ? 
hydrog18 hydrog ?    ? A DT  7  O4    ? ? ? 1_555 A DA  4  N6 ? ? A DT  7   A DA  4   2_656 ? ? ? ? ? ? WATSON-CRICK ?     ? ? 
hydrog19 hydrog ?    ? A DT  8  N3    ? ? ? 1_555 A DA  3  N1 ? ? A DT  8   A DA  3   2_656 ? ? ? ? ? ? WATSON-CRICK ?     ? ? 
hydrog20 hydrog ?    ? A DT  8  O4    ? ? ? 1_555 A DA  3  N6 ? ? A DT  8   A DA  3   2_656 ? ? ? ? ? ? WATSON-CRICK ?     ? ? 
hydrog21 hydrog ?    ? A DG  9  N1    ? ? ? 1_555 A DC  2  N3 ? ? A DG  9   A DC  2   2_656 ? ? ? ? ? ? WATSON-CRICK ?     ? ? 
hydrog22 hydrog ?    ? A DG  9  N2    ? ? ? 1_555 A DC  2  O2 ? ? A DG  9   A DC  2   2_656 ? ? ? ? ? ? WATSON-CRICK ?     ? ? 
hydrog23 hydrog ?    ? A DG  9  O6    ? ? ? 1_555 A DC  2  N4 ? ? A DG  9   A DC  2   2_656 ? ? ? ? ? ? WATSON-CRICK ?     ? ? 
hydrog24 hydrog ?    ? A DG  10 N1    ? ? ? 1_555 A DC  1  N3 ? ? A DG  10  A DC  1   2_656 ? ? ? ? ? ? WATSON-CRICK ?     ? ? 
hydrog25 hydrog ?    ? A DG  10 N2    ? ? ? 1_555 A DC  1  O2 ? ? A DG  10  A DC  1   2_656 ? ? ? ? ? ? WATSON-CRICK ?     ? ? 
hydrog26 hydrog ?    ? A DG  10 O6    ? ? ? 1_555 A DC  1  N4 ? ? A DG  10  A DC  1   2_656 ? ? ? ? ? ? WATSON-CRICK ?     ? ? 
# 
loop_
_struct_conn_type.id 
_struct_conn_type.criteria 
_struct_conn_type.reference 
covale ? ? 
metalc ? ? 
hydrog ? ? 
# 
loop_
_struct_site.id 
_struct_site.pdbx_evidence_code 
_struct_site.pdbx_auth_asym_id 
_struct_site.pdbx_auth_comp_id 
_struct_site.pdbx_auth_seq_id 
_struct_site.pdbx_auth_ins_code 
_struct_site.pdbx_num_residues 
_struct_site.details 
AC1 Software A CA 101 ? 6 'BINDING SITE FOR RESIDUE CA A 101' 
AC2 Software A CA 102 ? 7 'BINDING SITE FOR RESIDUE CA A 102' 
AC3 Software A CA 103 ? 6 'BINDING SITE FOR RESIDUE CA A 103' 
# 
loop_
_struct_site_gen.id 
_struct_site_gen.site_id 
_struct_site_gen.pdbx_num_res 
_struct_site_gen.label_comp_id 
_struct_site_gen.label_asym_id 
_struct_site_gen.label_seq_id 
_struct_site_gen.pdbx_auth_ins_code 
_struct_site_gen.auth_comp_id 
_struct_site_gen.auth_asym_id 
_struct_site_gen.auth_seq_id 
_struct_site_gen.label_atom_id 
_struct_site_gen.label_alt_id 
_struct_site_gen.symmetry 
_struct_site_gen.details 
1  AC1 6 HOH E .  ? HOH A 201 . ? 3_555 ? 
2  AC1 6 HOH E .  ? HOH A 201 . ? 4_555 ? 
3  AC1 6 HOH E .  ? HOH A 202 . ? 1_555 ? 
4  AC1 6 HOH E .  ? HOH A 203 . ? 1_555 ? 
5  AC1 6 HOH E .  ? HOH A 204 . ? 2_655 ? 
6  AC1 6 HOH E .  ? HOH A 204 . ? 1_555 ? 
7  AC2 7 DG  A 9  ? DG  A 9   . ? 1_555 ? 
8  AC2 7 DG  A 10 ? DG  A 10  . ? 1_555 ? 
9  AC2 7 HOH E .  ? HOH A 209 . ? 2_655 ? 
10 AC2 7 HOH E .  ? HOH A 209 . ? 1_555 ? 
11 AC2 7 HOH E .  ? HOH A 210 . ? 1_555 ? 
12 AC2 7 HOH E .  ? HOH A 211 . ? 1_555 ? 
13 AC2 7 HOH E .  ? HOH A 213 . ? 1_555 ? 
14 AC3 6 DG  A 6  ? DG  A 6   . ? 4_646 ? 
15 AC3 6 DT  A 7  ? DT  A 7   . ? 1_555 ? 
16 AC3 6 HOH E .  ? HOH A 214 . ? 1_555 ? 
17 AC3 6 HOH E .  ? HOH A 215 . ? 1_555 ? 
18 AC3 6 HOH E .  ? HOH A 216 . ? 1_555 ? 
19 AC3 6 HOH E .  ? HOH A 217 . ? 1_555 ? 
# 
_atom_sites.entry_id                    2OKS 
_atom_sites.fract_transf_matrix[1][1]   0.02816731 
_atom_sites.fract_transf_matrix[1][2]   0.01229584 
_atom_sites.fract_transf_matrix[1][3]   0.01563398 
_atom_sites.fract_transf_matrix[2][1]   0.02094911 
_atom_sites.fract_transf_matrix[2][2]   -0.00483565 
_atom_sites.fract_transf_matrix[2][3]   -0.03394028 
_atom_sites.fract_transf_matrix[3][1]   0.00365716 
_atom_sites.fract_transf_matrix[3][2]   0.03170287 
_atom_sites.fract_transf_matrix[3][3]   -0.00225955 
_atom_sites.fract_transf_vector[1]      0.526736 
_atom_sites.fract_transf_vector[2]      0.448261 
_atom_sites.fract_transf_vector[3]      0.477697 
# 
loop_
_atom_type.symbol 
C  
CA 
N  
O  
P  
# 
loop_
_atom_site.group_PDB 
_atom_site.id 
_atom_site.type_symbol 
_atom_site.label_atom_id 
_atom_site.label_alt_id 
_atom_site.label_comp_id 
_atom_site.label_asym_id 
_atom_site.label_entity_id 
_atom_site.label_seq_id 
_atom_site.pdbx_PDB_ins_code 
_atom_site.Cartn_x 
_atom_site.Cartn_y 
_atom_site.Cartn_z 
_atom_site.occupancy 
_atom_site.B_iso_or_equiv 
_atom_site.pdbx_formal_charge 
_atom_site.auth_seq_id 
_atom_site.auth_comp_id 
_atom_site.auth_asym_id 
_atom_site.auth_atom_id 
_atom_site.pdbx_PDB_model_num 
ATOM   1   O  "O5'" . DC  A 1 1  ? -9.623  12.308  -10.376 1.00 24.19 ? 1   DC  A "O5'" 1 
ATOM   2   C  "C5'" . DC  A 1 1  ? -9.153  13.172  -11.415 1.00 20.32 ? 1   DC  A "C5'" 1 
ATOM   3   C  "C4'" . DC  A 1 1  ? -7.660  13.401  -11.352 1.00 16.38 ? 1   DC  A "C4'" 1 
ATOM   4   O  "O4'" . DC  A 1 1  ? -7.332  14.098  -10.129 1.00 15.10 ? 1   DC  A "O4'" 1 
ATOM   5   C  "C3'" . DC  A 1 1  ? -6.785  12.145  -11.378 1.00 13.74 ? 1   DC  A "C3'" 1 
ATOM   6   O  "O3'" . DC  A 1 1  ? -5.642  12.387  -12.203 1.00 13.08 ? 1   DC  A "O3'" 1 
ATOM   7   C  "C2'" . DC  A 1 1  ? -6.379  11.961  -9.923  1.00 12.82 ? 1   DC  A "C2'" 1 
ATOM   8   C  "C1'" . DC  A 1 1  ? -6.351  13.387  -9.392  1.00 12.86 ? 1   DC  A "C1'" 1 
ATOM   9   N  N1    . DC  A 1 1  ? -6.686  13.539  -7.964  1.00 9.28  ? 1   DC  A N1    1 
ATOM   10  C  C2    . DC  A 1 1  ? -5.752  14.136  -7.111  1.00 7.08  ? 1   DC  A C2    1 
ATOM   11  O  O2    . DC  A 1 1  ? -4.658  14.485  -7.573  1.00 6.28  ? 1   DC  A O2    1 
ATOM   12  N  N3    . DC  A 1 1  ? -6.066  14.319  -5.806  1.00 5.67  ? 1   DC  A N3    1 
ATOM   13  C  C4    . DC  A 1 1  ? -7.255  13.922  -5.345  1.00 7.28  ? 1   DC  A C4    1 
ATOM   14  N  N4    . DC  A 1 1  ? -7.528  14.133  -4.051  1.00 7.34  ? 1   DC  A N4    1 
ATOM   15  C  C5    . DC  A 1 1  ? -8.219  13.293  -6.189  1.00 7.04  ? 1   DC  A C5    1 
ATOM   16  C  C6    . DC  A 1 1  ? -7.895  13.123  -7.479  1.00 7.67  ? 1   DC  A C6    1 
ATOM   17  P  P     . DC  A 1 2  ? -4.956  11.171  -13.005 1.00 12.36 ? 2   DC  A P     1 
ATOM   18  O  OP1   . DC  A 1 2  ? -4.397  11.766  -14.246 1.00 14.10 ? 2   DC  A OP1   1 
ATOM   19  O  OP2   . DC  A 1 2  ? -5.887  10.022  -13.098 1.00 13.35 ? 2   DC  A OP2   1 
ATOM   20  O  "O5'" . DC  A 1 2  ? -3.739  10.756  -12.064 1.00 11.88 ? 2   DC  A "O5'" 1 
ATOM   21  C  "C5'" . DC  A 1 2  ? -2.583  11.584  -11.968 1.00 9.45  ? 2   DC  A "C5'" 1 
ATOM   22  C  "C4'" . DC  A 1 2  ? -1.656  11.071  -10.893 1.00 7.32  ? 2   DC  A "C4'" 1 
ATOM   23  O  "O4'" . DC  A 1 2  ? -2.205  11.343  -9.581  1.00 7.92  ? 2   DC  A "O4'" 1 
ATOM   24  C  "C3'" . DC  A 1 2  ? -1.387  9.565   -10.930 1.00 7.14  ? 2   DC  A "C3'" 1 
ATOM   25  O  "O3'" . DC  A 1 2  ? -0.038  9.329   -10.509 1.00 9.00  ? 2   DC  A "O3'" 1 
ATOM   26  C  "C2'" . DC  A 1 2  ? -2.333  9.035   -9.864  1.00 5.47  ? 2   DC  A "C2'" 1 
ATOM   27  C  "C1'" . DC  A 1 2  ? -2.207  10.140  -8.831  1.00 7.17  ? 2   DC  A "C1'" 1 
ATOM   28  N  N1    . DC  A 1 2  ? -3.251  10.249  -7.797  1.00 7.76  ? 2   DC  A N1    1 
ATOM   29  C  C2    . DC  A 1 2  ? -2.935  10.928  -6.612  1.00 7.65  ? 2   DC  A C2    1 
ATOM   30  O  O2    . DC  A 1 2  ? -1.782  11.357  -6.459  1.00 6.55  ? 2   DC  A O2    1 
ATOM   31  N  N3    . DC  A 1 2  ? -3.889  11.097  -5.668  1.00 6.81  ? 2   DC  A N3    1 
ATOM   32  C  C4    . DC  A 1 2  ? -5.114  10.603  -5.865  1.00 6.27  ? 2   DC  A C4    1 
ATOM   33  N  N4    . DC  A 1 2  ? -6.030  10.816  -4.916  1.00 6.72  ? 2   DC  A N4    1 
ATOM   34  C  C5    . DC  A 1 2  ? -5.455  9.877   -7.047  1.00 8.65  ? 2   DC  A C5    1 
ATOM   35  C  C6    . DC  A 1 2  ? -4.501  9.725   -7.979  1.00 7.63  ? 2   DC  A C6    1 
ATOM   36  P  P     . DA  A 1 3  ? 1.106   9.032   -11.596 1.00 9.56  ? 3   DA  A P     1 
ATOM   37  O  OP1   . DA  A 1 3  ? 0.948   10.039  -12.673 1.00 9.48  ? 3   DA  A OP1   1 
ATOM   38  O  OP2   . DA  A 1 3  ? 1.086   7.584   -11.933 1.00 11.65 ? 3   DA  A OP2   1 
ATOM   39  O  "O5'" . DA  A 1 3  ? 2.450   9.331   -10.795 1.00 9.92  ? 3   DA  A "O5'" 1 
ATOM   40  C  "C5'" . DA  A 1 3  ? 2.823   10.667  -10.473 1.00 7.02  ? 3   DA  A "C5'" 1 
ATOM   41  C  "C4'" . DA  A 1 3  ? 3.366   10.738  -9.065  1.00 8.71  ? 3   DA  A "C4'" 1 
ATOM   42  O  "O4'" . DA  A 1 3  ? 2.328   10.430  -8.106  1.00 9.40  ? 3   DA  A "O4'" 1 
ATOM   43  C  "C3'" . DA  A 1 3  ? 4.524   9.798   -8.743  1.00 6.12  ? 3   DA  A "C3'" 1 
ATOM   44  O  "O3'" . DA  A 1 3  ? 5.393   10.505  -7.860  1.00 7.08  ? 3   DA  A "O3'" 1 
ATOM   45  C  "C2'" . DA  A 1 3  ? 3.839   8.619   -8.067  1.00 6.94  ? 3   DA  A "C2'" 1 
ATOM   46  C  "C1'" . DA  A 1 3  ? 2.673   9.281   -7.339  1.00 9.29  ? 3   DA  A "C1'" 1 
ATOM   47  N  N9    . DA  A 1 3  ? 1.456   8.476   -7.228  1.00 9.51  ? 3   DA  A N9    1 
ATOM   48  C  C8    . DA  A 1 3  ? 0.965   7.541   -8.109  1.00 9.35  ? 3   DA  A C8    1 
ATOM   49  N  N7    . DA  A 1 3  ? -0.217  7.074   -7.780  1.00 6.94  ? 3   DA  A N7    1 
ATOM   50  C  C5    . DA  A 1 3  ? -0.515  7.730   -6.592  1.00 8.14  ? 3   DA  A C5    1 
ATOM   51  C  C6    . DA  A 1 3  ? -1.640  7.696   -5.746  1.00 7.98  ? 3   DA  A C6    1 
ATOM   52  N  N6    . DA  A 1 3  ? -2.732  6.966   -5.986  1.00 7.67  ? 3   DA  A N6    1 
ATOM   53  N  N1    . DA  A 1 3  ? -1.608  8.460   -4.631  1.00 9.12  ? 3   DA  A N1    1 
ATOM   54  C  C2    . DA  A 1 3  ? -0.523  9.212   -4.398  1.00 9.21  ? 3   DA  A C2    1 
ATOM   55  N  N3    . DA  A 1 3  ? 0.583   9.341   -5.123  1.00 9.92  ? 3   DA  A N3    1 
ATOM   56  C  C4    . DA  A 1 3  ? 0.524   8.567   -6.223  1.00 9.39  ? 3   DA  A C4    1 
ATOM   57  P  P     . DA  A 1 4  ? 6.681   9.787   -7.232  1.00 8.78  ? 4   DA  A P     1 
ATOM   58  O  OP1   . DA  A 1 4  ? 7.643   10.885  -6.943  1.00 8.98  ? 4   DA  A OP1   1 
ATOM   59  O  OP2   . DA  A 1 4  ? 7.102   8.638   -8.067  1.00 9.38  ? 4   DA  A OP2   1 
ATOM   60  O  "O5'" . DA  A 1 4  ? 6.140   9.257   -5.834  1.00 7.59  ? 4   DA  A "O5'" 1 
ATOM   61  C  "C5'" . DA  A 1 4  ? 5.589   10.178  -4.898  1.00 8.33  ? 4   DA  A "C5'" 1 
ATOM   62  C  "C4'" . DA  A 1 4  ? 5.203   9.467   -3.625  1.00 10.17 ? 4   DA  A "C4'" 1 
ATOM   63  O  "O4'" . DA  A 1 4  ? 3.974   8.723   -3.797  1.00 9.25  ? 4   DA  A "O4'" 1 
ATOM   64  C  "C3'" . DA  A 1 4  ? 6.242   8.464   -3.129  1.00 11.34 ? 4   DA  A "C3'" 1 
ATOM   65  O  "O3'" . DA  A 1 4  ? 6.360   8.608   -1.714  1.00 12.55 ? 4   DA  A "O3'" 1 
ATOM   66  C  "C2'" . DA  A 1 4  ? 5.634   7.119   -3.497  1.00 9.94  ? 4   DA  A "C2'" 1 
ATOM   67  C  "C1'" . DA  A 1 4  ? 4.156   7.406   -3.311  1.00 9.18  ? 4   DA  A "C1'" 1 
ATOM   68  N  N9    . DA  A 1 4  ? 3.223   6.534   -4.027  1.00 9.55  ? 4   DA  A N9    1 
ATOM   69  C  C8    . DA  A 1 4  ? 3.400   5.847   -5.202  1.00 9.57  ? 4   DA  A C8    1 
ATOM   70  N  N7    . DA  A 1 4  ? 2.335   5.186   -5.592  1.00 10.28 ? 4   DA  A N7    1 
ATOM   71  C  C5    . DA  A 1 4  ? 1.398   5.448   -4.601  1.00 9.09  ? 4   DA  A C5    1 
ATOM   72  C  C6    . DA  A 1 4  ? 0.056   5.049   -4.430  1.00 7.49  ? 4   DA  A C6    1 
ATOM   73  N  N6    . DA  A 1 4  ? -0.604  4.274   -5.295  1.00 5.51  ? 4   DA  A N6    1 
ATOM   74  N  N1    . DA  A 1 4  ? -0.594  5.488   -3.329  1.00 8.23  ? 4   DA  A N1    1 
ATOM   75  C  C2    . DA  A 1 4  ? 0.063   6.279   -2.468  1.00 9.03  ? 4   DA  A C2    1 
ATOM   76  N  N3    . DA  A 1 4  ? 1.316   6.725   -2.521  1.00 9.42  ? 4   DA  A N3    1 
ATOM   77  C  C4    . DA  A 1 4  ? 1.936   6.268   -3.626  1.00 8.25  ? 4   DA  A C4    1 
HETATM 78  P  P     . C34 A 1 5  ? 7.639   8.011   -0.960  1.00 14.33 ? 5   C34 A P     1 
HETATM 79  O  OP1   . C34 A 1 5  ? 7.424   8.141   0.495   1.00 16.83 ? 5   C34 A OP1   1 
HETATM 80  O  OP2   . C34 A 1 5  ? 8.887   8.530   -1.581  1.00 15.45 ? 5   C34 A OP2   1 
HETATM 81  O  "O5'" . C34 A 1 5  ? 7.490   6.458   -1.234  1.00 13.37 ? 5   C34 A "O5'" 1 
HETATM 82  C  "C5'" . C34 A 1 5  ? 7.170   5.499   -0.162  1.00 14.01 ? 5   C34 A "C5'" 1 
HETATM 83  C  "C4'" . C34 A 1 5  ? 5.708   5.560   0.330   1.00 13.56 ? 5   C34 A "C4'" 1 
HETATM 84  O  "O4'" . C34 A 1 5  ? 4.729   5.721   -0.719  1.00 12.95 ? 5   C34 A "O4'" 1 
HETATM 85  C  "C1'" . C34 A 1 5  ? 3.447   5.221   -0.318  1.00 10.52 ? 5   C34 A "C1'" 1 
HETATM 86  N  N1    . C34 A 1 5  ? 3.069   4.153   -1.287  1.00 9.56  ? 5   C34 A N1    1 
HETATM 87  C  C6    . C34 A 1 5  ? 3.960   3.641   -2.218  1.00 7.81  ? 5   C34 A C6    1 
HETATM 88  C  C2    . C34 A 1 5  ? 1.764   3.665   -1.268  1.00 8.76  ? 5   C34 A C2    1 
HETATM 89  O  O2    . C34 A 1 5  ? 1.023   3.995   -0.345  1.00 9.55  ? 5   C34 A O2    1 
HETATM 90  N  N3    . C34 A 1 5  ? 1.321   2.865   -2.256  1.00 8.30  ? 5   C34 A N3    1 
HETATM 91  C  C4    . C34 A 1 5  ? 2.158   2.406   -3.191  1.00 7.89  ? 5   C34 A C4    1 
HETATM 92  N  N4    . C34 A 1 5  ? 1.555   1.633   -4.264  1.00 7.65  ? 5   C34 A N4    1 
HETATM 93  C  C7    . C34 A 1 5  ? 2.383   0.695   -5.017  1.00 9.72  ? 5   C34 A C7    1 
HETATM 94  C  C5    . C34 A 1 5  ? 3.541   2.801   -3.210  1.00 8.01  ? 5   C34 A C5    1 
HETATM 95  C  "C2'" . C34 A 1 5  ? 3.585   4.750   1.134   1.00 11.75 ? 5   C34 A "C2'" 1 
HETATM 96  C  "C3'" . C34 A 1 5  ? 5.109   4.494   1.285   1.00 12.35 ? 5   C34 A "C3'" 1 
HETATM 97  O  "O3'" . C34 A 1 5  ? 5.615   4.846   2.607   1.00 11.19 ? 5   C34 A "O3'" 1 
ATOM   98  P  P     . DG  A 1 6  ? 6.165   3.737   3.668   1.00 11.18 ? 6   DG  A P     1 
ATOM   99  O  OP1   . DG  A 1 6  ? 6.880   4.505   4.750   1.00 14.11 ? 6   DG  A OP1   1 
ATOM   100 O  OP2   . DG  A 1 6  ? 6.900   2.665   2.970   1.00 11.99 ? 6   DG  A OP2   1 
ATOM   101 O  "O5'" . DG  A 1 6  ? 4.828   3.131   4.302   1.00 11.42 ? 6   DG  A "O5'" 1 
ATOM   102 C  "C5'" . DG  A 1 6  ? 3.843   3.974   4.915   1.00 10.31 ? 6   DG  A "C5'" 1 
ATOM   103 C  "C4'" . DG  A 1 6  ? 2.604   3.172   5.252   1.00 8.03  ? 6   DG  A "C4'" 1 
ATOM   104 O  "O4'" . DG  A 1 6  ? 1.964   2.708   4.038   1.00 8.93  ? 6   DG  A "O4'" 1 
ATOM   105 C  "C3'" . DG  A 1 6  ? 2.839   1.924   6.102   1.00 9.68  ? 6   DG  A "C3'" 1 
ATOM   106 O  "O3'" . DG  A 1 6  ? 1.745   1.756   7.011   1.00 9.71  ? 6   DG  A "O3'" 1 
ATOM   107 C  "C2'" . DG  A 1 6  ? 2.882   0.799   5.081   1.00 7.87  ? 6   DG  A "C2'" 1 
ATOM   108 C  "C1'" . DG  A 1 6  ? 1.939   1.284   3.989   1.00 8.24  ? 6   DG  A "C1'" 1 
ATOM   109 N  N9    . DG  A 1 6  ? 2.351   0.888   2.641   1.00 10.22 ? 6   DG  A N9    1 
ATOM   110 C  C8    . DG  A 1 6  ? 3.611   0.999   2.103   1.00 9.42  ? 6   DG  A C8    1 
ATOM   111 N  N7    . DG  A 1 6  ? 3.674   0.599   0.860   1.00 10.51 ? 6   DG  A N7    1 
ATOM   112 C  C5    . DG  A 1 6  ? 2.382   0.191   0.566   1.00 8.86  ? 6   DG  A C5    1 
ATOM   113 C  C6    . DG  A 1 6  ? 1.836   -0.332  -0.636  1.00 8.97  ? 6   DG  A C6    1 
ATOM   114 O  O6    . DG  A 1 6  ? 2.406   -0.533  -1.719  1.00 9.35  ? 6   DG  A O6    1 
ATOM   115 N  N1    . DG  A 1 6  ? 0.481   -0.624  -0.499  1.00 6.89  ? 6   DG  A N1    1 
ATOM   116 C  C2    . DG  A 1 6  ? -0.258  -0.432  0.644   1.00 8.05  ? 6   DG  A C2    1 
ATOM   117 N  N2    . DG  A 1 6  ? -1.552  -0.779  0.580   1.00 9.63  ? 6   DG  A N2    1 
ATOM   118 N  N3    . DG  A 1 6  ? 0.237   0.063   1.769   1.00 8.73  ? 6   DG  A N3    1 
ATOM   119 C  C4    . DG  A 1 6  ? 1.550   0.350   1.659   1.00 8.14  ? 6   DG  A C4    1 
ATOM   120 P  P     . DT  A 1 7  ? 1.711   0.496   8.004   1.00 10.35 ? 7   DT  A P     1 
ATOM   121 O  OP1   . DT  A 1 7  ? 1.018   0.957   9.235   1.00 9.05  ? 7   DT  A OP1   1 
ATOM   122 O  OP2   . DT  A 1 7  ? 3.058   -0.116  8.106   1.00 8.77  ? 7   DT  A OP2   1 
ATOM   123 O  "O5'" . DT  A 1 7  ? 0.733   -0.512  7.254   1.00 10.40 ? 7   DT  A "O5'" 1 
ATOM   124 C  "C5'" . DT  A 1 7  ? -0.555  -0.067  6.847   1.00 10.86 ? 7   DT  A "C5'" 1 
ATOM   125 C  "C4'" . DT  A 1 7  ? -1.315  -1.176  6.160   1.00 10.28 ? 7   DT  A "C4'" 1 
ATOM   126 O  "O4'" . DT  A 1 7  ? -0.811  -1.412  4.825   1.00 10.67 ? 7   DT  A "O4'" 1 
ATOM   127 C  "C3'" . DT  A 1 7  ? -1.308  -2.528  6.867   1.00 10.80 ? 7   DT  A "C3'" 1 
ATOM   128 O  "O3'" . DT  A 1 7  ? -2.634  -3.040  6.844   1.00 11.28 ? 7   DT  A "O3'" 1 
ATOM   129 C  "C2'" . DT  A 1 7  ? -0.393  -3.380  6.002   1.00 10.17 ? 7   DT  A "C2'" 1 
ATOM   130 C  "C1'" . DT  A 1 7  ? -0.647  -2.807  4.620   1.00 8.44  ? 7   DT  A "C1'" 1 
ATOM   131 N  N1    . DT  A 1 7  ? 0.440   -2.982  3.639   1.00 9.33  ? 7   DT  A N1    1 
ATOM   132 C  C2    . DT  A 1 7  ? 0.124   -3.473  2.386   1.00 8.76  ? 7   DT  A C2    1 
ATOM   133 O  O2    . DT  A 1 7  ? -0.997  -3.839  2.077   1.00 8.52  ? 7   DT  A O2    1 
ATOM   134 N  N3    . DT  A 1 7  ? 1.181   -3.521  1.508   1.00 6.97  ? 7   DT  A N3    1 
ATOM   135 C  C4    . DT  A 1 7  ? 2.491   -3.152  1.758   1.00 7.82  ? 7   DT  A C4    1 
ATOM   136 O  O4    . DT  A 1 7  ? 3.331   -3.218  0.861   1.00 9.36  ? 7   DT  A O4    1 
ATOM   137 C  C5    . DT  A 1 7  ? 2.757   -2.696  3.107   1.00 8.56  ? 7   DT  A C5    1 
ATOM   138 C  C7    . DT  A 1 7  ? 4.156   -2.322  3.483   1.00 7.11  ? 7   DT  A C7    1 
ATOM   139 C  C6    . DT  A 1 7  ? 1.733   -2.632  3.965   1.00 8.71  ? 7   DT  A C6    1 
ATOM   140 P  P     . DT  A 1 8  ? -3.049  -4.220  7.840   1.00 12.72 ? 8   DT  A P     1 
ATOM   141 O  OP1   . DT  A 1 8  ? -4.468  -3.959  8.200   1.00 14.88 ? 8   DT  A OP1   1 
ATOM   142 O  OP2   . DT  A 1 8  ? -2.030  -4.365  8.908   1.00 13.64 ? 8   DT  A OP2   1 
ATOM   143 O  "O5'" . DT  A 1 8  ? -3.014  -5.508  6.906   1.00 12.16 ? 8   DT  A "O5'" 1 
ATOM   144 C  "C5'" . DT  A 1 8  ? -3.938  -5.644  5.833   1.00 10.09 ? 8   DT  A "C5'" 1 
ATOM   145 C  "C4'" . DT  A 1 8  ? -3.694  -6.941  5.101   1.00 8.52  ? 8   DT  A "C4'" 1 
ATOM   146 O  "O4'" . DT  A 1 8  ? -2.560  -6.829  4.212   1.00 9.13  ? 8   DT  A "O4'" 1 
ATOM   147 C  "C3'" . DT  A 1 8  ? -3.398  -8.131  6.014   1.00 9.11  ? 8   DT  A "C3'" 1 
ATOM   148 O  "O3'" . DT  A 1 8  ? -3.968  -9.294  5.429   1.00 10.58 ? 8   DT  A "O3'" 1 
ATOM   149 C  "C2'" . DT  A 1 8  ? -1.885  -8.242  5.941   1.00 8.25  ? 8   DT  A "C2'" 1 
ATOM   150 C  "C1'" . DT  A 1 8  ? -1.655  -7.888  4.484   1.00 9.31  ? 8   DT  A "C1'" 1 
ATOM   151 N  N1    . DT  A 1 8  ? -0.302  -7.437  4.111   1.00 9.75  ? 8   DT  A N1    1 
ATOM   152 C  C2    . DT  A 1 8  ? 0.088   -7.637  2.801   1.00 8.95  ? 8   DT  A C2    1 
ATOM   153 O  O2    . DT  A 1 8  ? -0.613  -8.205  1.973   1.00 10.55 ? 8   DT  A O2    1 
ATOM   154 N  N3    . DT  A 1 8  ? 1.332   -7.153  2.494   1.00 7.22  ? 8   DT  A N3    1 
ATOM   155 C  C4    . DT  A 1 8  ? 2.213   -6.516  3.343   1.00 7.34  ? 8   DT  A C4    1 
ATOM   156 O  O4    . DT  A 1 8  ? 3.292   -6.119  2.912   1.00 7.74  ? 8   DT  A O4    1 
ATOM   157 C  C5    . DT  A 1 8  ? 1.756   -6.370  4.714   1.00 7.37  ? 8   DT  A C5    1 
ATOM   158 C  C7    . DT  A 1 8  ? 2.657   -5.719  5.714   1.00 6.15  ? 8   DT  A C7    1 
ATOM   159 C  C6    . DT  A 1 8  ? 0.535   -6.829  5.024   1.00 8.40  ? 8   DT  A C6    1 
ATOM   160 P  P     . DG  A 1 9  ? -5.380  -9.846  5.953   1.00 9.71  ? 9   DG  A P     1 
ATOM   161 O  OP1   . DG  A 1 9  ? -6.336  -8.715  5.998   1.00 12.82 ? 9   DG  A OP1   1 
ATOM   162 O  OP2   . DG  A 1 9  ? -5.135  -10.654 7.174   1.00 11.96 ? 9   DG  A OP2   1 
ATOM   163 O  "O5'" . DG  A 1 9  ? -5.836  -10.827 4.789   1.00 9.30  ? 9   DG  A "O5'" 1 
ATOM   164 C  "C5'" . DG  A 1 9  ? -6.289  -10.311 3.540   1.00 9.92  ? 9   DG  A "C5'" 1 
ATOM   165 C  "C4'" . DG  A 1 9  ? -5.946  -11.271 2.427   1.00 8.43  ? 9   DG  A "C4'" 1 
ATOM   166 O  "O4'" . DG  A 1 9  ? -4.522  -11.260 2.175   1.00 8.07  ? 9   DG  A "O4'" 1 
ATOM   167 C  "C3'" . DG  A 1 9  ? -6.302  -12.723 2.718   1.00 9.28  ? 9   DG  A "C3'" 1 
ATOM   168 O  "O3'" . DG  A 1 9  ? -6.704  -13.340 1.492   1.00 10.12 ? 9   DG  A "O3'" 1 
ATOM   169 C  "C2'" . DG  A 1 9  ? -5.004  -13.297 3.271   1.00 8.65  ? 9   DG  A "C2'" 1 
ATOM   170 C  "C1'" . DG  A 1 9  ? -3.928  -12.497 2.545   1.00 7.40  ? 9   DG  A "C1'" 1 
ATOM   171 N  N9    . DG  A 1 9  ? -2.745  -12.168 3.344   1.00 7.87  ? 9   DG  A N9    1 
ATOM   172 C  C8    . DG  A 1 9  ? -2.653  -12.080 4.711   1.00 6.18  ? 9   DG  A C8    1 
ATOM   173 N  N7    . DG  A 1 9  ? -1.479  -11.668 5.120   1.00 8.19  ? 9   DG  A N7    1 
ATOM   174 C  C5    . DG  A 1 9  ? -0.751  -11.493 3.950   1.00 7.46  ? 9   DG  A C5    1 
ATOM   175 C  C6    . DG  A 1 9  ? 0.589   -11.050 3.749   1.00 7.10  ? 9   DG  A C6    1 
ATOM   176 O  O6    . DG  A 1 9  ? 1.418   -10.687 4.593   1.00 7.83  ? 9   DG  A O6    1 
ATOM   177 N  N1    . DG  A 1 9  ? 0.929   -11.045 2.400   1.00 6.55  ? 9   DG  A N1    1 
ATOM   178 C  C2    . DG  A 1 9  ? 0.093   -11.402 1.372   1.00 7.25  ? 9   DG  A C2    1 
ATOM   179 N  N2    . DG  A 1 9  ? 0.610   -11.329 0.134   1.00 7.45  ? 9   DG  A N2    1 
ATOM   180 N  N3    . DG  A 1 9  ? -1.157  -11.803 1.542   1.00 6.92  ? 9   DG  A N3    1 
ATOM   181 C  C4    . DG  A 1 9  ? -1.510  -11.824 2.845   1.00 6.69  ? 9   DG  A C4    1 
ATOM   182 P  P     . DG  A 1 10 ? -7.325  -14.814 1.505   1.00 10.58 ? 10  DG  A P     1 
ATOM   183 O  OP1   . DG  A 1 10 ? -8.209  -14.915 0.318   1.00 12.78 ? 10  DG  A OP1   1 
ATOM   184 O  OP2   . DG  A 1 10 ? -7.870  -15.092 2.856   1.00 10.40 ? 10  DG  A OP2   1 
ATOM   185 O  "O5'" . DG  A 1 10 ? -6.055  -15.731 1.239   1.00 11.49 ? 10  DG  A "O5'" 1 
ATOM   186 C  "C5'" . DG  A 1 10 ? -5.348  -15.616 0.009   1.00 11.87 ? 10  DG  A "C5'" 1 
ATOM   187 C  "C4'" . DG  A 1 10 ? -4.050  -16.387 0.061   1.00 12.74 ? 10  DG  A "C4'" 1 
ATOM   188 O  "O4'" . DG  A 1 10 ? -3.056  -15.661 0.830   1.00 13.39 ? 10  DG  A "O4'" 1 
ATOM   189 C  "C3'" . DG  A 1 10 ? -4.136  -17.792 0.665   1.00 13.34 ? 10  DG  A "C3'" 1 
ATOM   190 O  "O3'" . DG  A 1 10 ? -3.565  -18.756 -0.224  1.00 18.43 ? 10  DG  A "O3'" 1 
ATOM   191 C  "C2'" . DG  A 1 10 ? -3.286  -17.697 1.922   1.00 13.06 ? 10  DG  A "C2'" 1 
ATOM   192 C  "C1'" . DG  A 1 10 ? -2.298  -16.593 1.577   1.00 11.91 ? 10  DG  A "C1'" 1 
ATOM   193 N  N9    . DG  A 1 10 ? -1.736  -15.910 2.740   1.00 11.13 ? 10  DG  A N9    1 
ATOM   194 C  C8    . DG  A 1 10 ? -2.320  -15.800 3.979   1.00 10.23 ? 10  DG  A C8    1 
ATOM   195 N  N7    . DG  A 1 10 ? -1.568  -15.188 4.851   1.00 7.86  ? 10  DG  A N7    1 
ATOM   196 C  C5    . DG  A 1 10 ? -0.417  -14.860 4.148   1.00 7.80  ? 10  DG  A C5    1 
ATOM   197 C  C6    . DG  A 1 10 ? 0.761   -14.191 4.580   1.00 8.21  ? 10  DG  A C6    1 
ATOM   198 O  O6    . DG  A 1 10 ? 1.030   -13.746 5.708   1.00 10.99 ? 10  DG  A O6    1 
ATOM   199 N  N1    . DG  A 1 10 ? 1.679   -14.054 3.547   1.00 6.86  ? 10  DG  A N1    1 
ATOM   200 C  C2    . DG  A 1 10 ? 1.494   -14.500 2.262   1.00 6.07  ? 10  DG  A C2    1 
ATOM   201 N  N2    . DG  A 1 10 ? 2.500   -14.254 1.412   1.00 4.91  ? 10  DG  A N2    1 
ATOM   202 N  N3    . DG  A 1 10 ? 0.402   -15.135 1.845   1.00 8.14  ? 10  DG  A N3    1 
ATOM   203 C  C4    . DG  A 1 10 ? -0.506  -15.282 2.837   1.00 9.17  ? 10  DG  A C4    1 
HETATM 204 CA CA    . CA  B 2 .  ? 6.058   -15.528 -1.827  0.50 9.33  ? 101 CA  A CA    1 
HETATM 205 CA CA    . CA  C 2 .  ? -0.653  -12.218 7.594   1.00 26.04 ? 102 CA  A CA    1 
HETATM 206 CA CA    . CA  D 2 .  ? 0.047   0.137   11.318  1.00 13.25 ? 103 CA  A CA    1 
HETATM 207 O  O     . HOH E 3 .  ? -12.524 -15.284 -0.494  1.00 21.25 ? 201 HOH A O     1 
HETATM 208 O  O     . HOH E 3 .  ? 4.814   -13.848 -3.147  1.00 18.14 ? 202 HOH A O     1 
HETATM 209 O  O     . HOH E 3 .  ? 3.762   -16.507 -1.570  1.00 18.58 ? 203 HOH A O     1 
HETATM 210 O  O     . HOH E 3 .  ? 5.677   -14.092 -0.188  1.00 17.86 ? 204 HOH A O     1 
HETATM 211 O  O     . HOH E 3 .  ? 1.921   9.011   -0.756  1.00 17.55 ? 205 HOH A O     1 
HETATM 212 O  O     . HOH E 3 .  ? 0.759   9.170   2.104   1.00 27.91 ? 206 HOH A O     1 
HETATM 213 O  O     . HOH E 3 .  ? -0.250  10.932  0.117   1.00 19.47 ? 207 HOH A O     1 
HETATM 214 O  O     . HOH E 3 .  ? -1.268  8.064   1.089   1.00 21.00 ? 208 HOH A O     1 
HETATM 215 O  O     . HOH E 3 .  ? 1.213   -14.135 8.313   0.50 9.28  ? 209 HOH A O     1 
HETATM 216 O  O     . HOH E 3 .  ? -2.441  -11.293 8.023   1.00 34.50 ? 210 HOH A O     1 
HETATM 217 O  O     . HOH E 3 .  ? 0.560   -12.095 9.570   1.00 30.49 ? 211 HOH A O     1 
HETATM 218 O  O     . HOH E 3 .  ? 1.058   -9.631  7.207   1.00 14.59 ? 212 HOH A O     1 
HETATM 219 O  O     . HOH E 3 .  ? -2.067  -14.542 7.467   1.00 12.17 ? 213 HOH A O     1 
HETATM 220 O  O     . HOH E 3 .  ? 0.047   -2.013  10.272  1.00 9.67  ? 214 HOH A O     1 
HETATM 221 O  O     . HOH E 3 .  ? 2.296   -0.091  12.401  1.00 13.42 ? 215 HOH A O     1 
HETATM 222 O  O     . HOH E 3 .  ? -2.112  0.606   10.250  1.00 14.73 ? 216 HOH A O     1 
HETATM 223 O  O     . HOH E 3 .  ? 0.133   2.519   11.932  1.00 15.84 ? 217 HOH A O     1 
HETATM 224 O  O     . HOH E 3 .  ? -3.266  14.194  -14.325 1.00 20.70 ? 218 HOH A O     1 
HETATM 225 O  O     . HOH E 3 .  ? 5.567   -5.624  4.289   1.00 12.02 ? 219 HOH A O     1 
HETATM 226 O  O     . HOH E 3 .  ? 3.261   -2.673  7.073   1.00 10.95 ? 220 HOH A O     1 
HETATM 227 O  O     . HOH E 3 .  ? 4.271   -0.698  10.838  1.00 13.19 ? 221 HOH A O     1 
HETATM 228 O  O     . HOH E 3 .  ? -2.665  -12.098 -0.791  1.00 25.21 ? 222 HOH A O     1 
HETATM 229 O  O     . HOH E 3 .  ? 7.061   4.008   -3.271  1.00 17.18 ? 223 HOH A O     1 
HETATM 230 O  O     . HOH E 3 .  ? -8.414  9.333   -13.090 1.00 15.06 ? 224 HOH A O     1 
HETATM 231 O  O     . HOH E 3 .  ? 4.185   10.079  0.083   1.00 34.36 ? 225 HOH A O     1 
HETATM 232 O  O     . HOH E 3 .  ? 6.175   13.245  -6.145  1.00 15.65 ? 226 HOH A O     1 
HETATM 233 O  O     . HOH E 3 .  ? 8.413   3.742   6.668   1.00 21.87 ? 227 HOH A O     1 
HETATM 234 O  O     . HOH E 3 .  ? -8.672  9.666   -5.622  1.00 11.29 ? 228 HOH A O     1 
HETATM 235 O  O     . HOH E 3 .  ? 5.826   -2.362  0.000   1.00 13.77 ? 229 HOH A O     1 
HETATM 236 O  O     . HOH E 3 .  ? -4.828  -14.481 7.571   1.00 36.58 ? 230 HOH A O     1 
HETATM 237 O  O     . HOH E 3 .  ? 9.734   10.962  -5.290  1.00 11.00 ? 231 HOH A O     1 
HETATM 238 O  O     . HOH E 3 .  ? 5.862   -3.767  6.312   1.00 9.19  ? 232 HOH A O     1 
HETATM 239 O  O     . HOH E 3 .  ? 5.168   1.666   11.986  1.00 12.38 ? 233 HOH A O     1 
HETATM 240 O  O     . HOH E 3 .  ? 1.689   -3.765  9.096   1.00 21.01 ? 234 HOH A O     1 
HETATM 241 O  O     . HOH E 3 .  ? 7.788   -5.457  2.546   1.00 21.71 ? 235 HOH A O     1 
HETATM 242 O  O     . HOH E 3 .  ? -2.032  -3.540  11.224  1.00 13.06 ? 236 HOH A O     1 
HETATM 243 O  O     . HOH E 3 .  ? 6.230   2.674   7.970   1.00 30.97 ? 237 HOH A O     1 
HETATM 244 O  O     . HOH E 3 .  ? -4.856  -16.774 9.521   1.00 22.99 ? 238 HOH A O     1 
HETATM 245 O  O     . HOH E 3 .  ? 0.350   12.390  -7.716  1.00 19.37 ? 239 HOH A O     1 
HETATM 246 O  O     . HOH E 3 .  ? 2.088   -14.669 -1.549  1.00 26.05 ? 240 HOH A O     1 
HETATM 247 O  O     . HOH E 3 .  ? 6.654   3.653   11.061  1.00 24.56 ? 241 HOH A O     1 
HETATM 248 O  O     . HOH E 3 .  ? -1.511  1.497   3.834   1.00 20.25 ? 242 HOH A O     1 
HETATM 249 O  O     . HOH E 3 .  ? -0.264  -14.515 -0.827  1.00 11.63 ? 243 HOH A O     1 
HETATM 250 O  O     . HOH E 3 .  ? 8.929   11.424  -2.783  1.00 17.21 ? 244 HOH A O     1 
HETATM 251 O  O     . HOH E 3 .  ? 6.256   6.131   -7.392  1.00 13.92 ? 245 HOH A O     1 
HETATM 252 O  O     . HOH E 3 .  ? 2.278   3.456   -8.040  1.00 27.72 ? 246 HOH A O     1 
HETATM 253 O  O     . HOH E 3 .  ? 5.659   -5.094  8.839   1.00 20.38 ? 247 HOH A O     1 
HETATM 254 O  O     . HOH E 3 .  ? 2.174   11.217  -3.645  1.00 19.81 ? 248 HOH A O     1 
HETATM 255 O  O     . HOH E 3 .  ? -5.831  8.246   -10.735 1.00 19.80 ? 249 HOH A O     1 
HETATM 256 O  O     . HOH E 3 .  ? 10.472  8.449   -4.692  1.00 18.87 ? 250 HOH A O     1 
HETATM 257 O  O     . HOH E 3 .  ? -10.521 10.860  -7.080  1.00 27.04 ? 251 HOH A O     1 
HETATM 258 O  O     . HOH E 3 .  ? 6.087   5.580   9.290   1.00 16.72 ? 252 HOH A O     1 
HETATM 259 O  O     . HOH E 3 .  ? 6.399   -5.006  -0.382  1.00 20.98 ? 253 HOH A O     1 
HETATM 260 O  O     . HOH E 3 .  ? 0.163   -5.739  8.164   1.00 13.02 ? 254 HOH A O     1 
HETATM 261 O  O     . HOH E 3 .  ? -7.210  -7.262  7.987   1.00 31.94 ? 255 HOH A O     1 
HETATM 262 O  O     . HOH E 3 .  ? -2.096  -5.806  12.863  1.00 26.01 ? 256 HOH A O     1 
HETATM 263 O  O     . HOH E 3 .  ? -8.910  10.299  -9.207  1.00 31.42 ? 257 HOH A O     1 
HETATM 264 O  O     . HOH E 3 .  ? -3.094  -0.836  2.956   1.00 22.55 ? 258 HOH A O     1 
HETATM 265 O  O     . HOH E 3 .  ? -6.382  -10.434 9.705   1.00 28.02 ? 259 HOH A O     1 
HETATM 266 O  O     . HOH E 3 .  ? 9.947   3.418   4.490   1.00 23.11 ? 260 HOH A O     1 
HETATM 267 O  O     . HOH E 3 .  ? -4.485  -20.988 0.960   1.00 24.20 ? 261 HOH A O     1 
HETATM 268 O  O     . HOH E 3 .  ? 3.349   5.639   8.054   1.00 24.25 ? 262 HOH A O     1 
HETATM 269 O  O     . HOH E 3 .  ? -4.843  -8.587  10.566  1.00 29.43 ? 263 HOH A O     1 
HETATM 270 O  O     . HOH E 3 .  ? 4.082   7.839   4.242   1.00 19.03 ? 264 HOH A O     1 
HETATM 271 O  O     . HOH E 3 .  ? -10.170 -16.591 -1.238  1.00 28.86 ? 265 HOH A O     1 
HETATM 272 O  O     . HOH E 3 .  ? 0.147   6.733   2.955   1.00 26.42 ? 266 HOH A O     1 
HETATM 273 O  O     . HOH E 3 .  ? -4.134  -3.128  3.036   1.00 29.48 ? 267 HOH A O     1 
HETATM 274 O  O     . HOH E 3 .  ? 4.125   5.150   -9.761  1.00 34.46 ? 268 HOH A O     1 
HETATM 275 O  O     . HOH E 3 .  ? -3.119  -13.957 -2.549  1.00 26.15 ? 269 HOH A O     1 
HETATM 276 O  O     . HOH E 3 .  ? 2.508   7.474   6.368   1.00 29.29 ? 270 HOH A O     1 
HETATM 277 O  O     . HOH E 3 .  ? 6.768   6.971   4.746   1.00 31.42 ? 271 HOH A O     1 
HETATM 278 O  O     . HOH E 3 .  ? -1.203  7.553   4.809   1.00 26.41 ? 272 HOH A O     1 
HETATM 279 O  O     . HOH E 3 .  ? -4.206  -13.605 9.930   1.00 22.56 ? 273 HOH A O     1 
HETATM 280 O  O     . HOH E 3 .  ? -1.905  4.086   12.303  1.00 31.40 ? 274 HOH A O     1 
HETATM 281 O  O     . HOH E 3 .  ? -5.172  -11.734 -1.136  1.00 31.44 ? 275 HOH A O     1 
# 
loop_
_pdbx_poly_seq_scheme.asym_id 
_pdbx_poly_seq_scheme.entity_id 
_pdbx_poly_seq_scheme.seq_id 
_pdbx_poly_seq_scheme.mon_id 
_pdbx_poly_seq_scheme.ndb_seq_num 
_pdbx_poly_seq_scheme.pdb_seq_num 
_pdbx_poly_seq_scheme.auth_seq_num 
_pdbx_poly_seq_scheme.pdb_mon_id 
_pdbx_poly_seq_scheme.auth_mon_id 
_pdbx_poly_seq_scheme.pdb_strand_id 
_pdbx_poly_seq_scheme.pdb_ins_code 
_pdbx_poly_seq_scheme.hetero 
A 1 1  DC  1  1  1  DC  CYT A . n 
A 1 2  DC  2  2  2  DC  CYT A . n 
A 1 3  DA  3  3  3  DA  ADE A . n 
A 1 4  DA  4  4  4  DA  ADE A . n 
A 1 5  C34 5  5  5  C34 CNE A . n 
A 1 6  DG  6  6  6  DG  GUA A . n 
A 1 7  DT  7  7  7  DT  THY A . n 
A 1 8  DT  8  8  8  DT  THY A . n 
A 1 9  DG  9  9  9  DG  GUA A . n 
A 1 10 DG  10 10 10 DG  GUA A . n 
# 
loop_
_pdbx_nonpoly_scheme.asym_id 
_pdbx_nonpoly_scheme.entity_id 
_pdbx_nonpoly_scheme.mon_id 
_pdbx_nonpoly_scheme.ndb_seq_num 
_pdbx_nonpoly_scheme.pdb_seq_num 
_pdbx_nonpoly_scheme.auth_seq_num 
_pdbx_nonpoly_scheme.pdb_mon_id 
_pdbx_nonpoly_scheme.auth_mon_id 
_pdbx_nonpoly_scheme.pdb_strand_id 
_pdbx_nonpoly_scheme.pdb_ins_code 
B 2 CA  1  101 1111 CA  CA2 A . 
C 2 CA  1  102 1131 CA  CA2 A . 
D 2 CA  1  103 1141 CA  CA2 A . 
E 3 HOH 1  201 1112 HOH TIP A . 
E 3 HOH 2  202 1113 HOH TIP A . 
E 3 HOH 3  203 1114 HOH TIP A . 
E 3 HOH 4  204 1115 HOH TIP A . 
E 3 HOH 5  205 1121 HOH TIP A . 
E 3 HOH 6  206 1122 HOH TIP A . 
E 3 HOH 7  207 1123 HOH TIP A . 
E 3 HOH 8  208 1124 HOH TIP A . 
E 3 HOH 9  209 1132 HOH TIP A . 
E 3 HOH 10 210 1133 HOH TIP A . 
E 3 HOH 11 211 1134 HOH TIP A . 
E 3 HOH 12 212 1135 HOH TIP A . 
E 3 HOH 13 213 1136 HOH TIP A . 
E 3 HOH 14 214 1142 HOH TIP A . 
E 3 HOH 15 215 1143 HOH TIP A . 
E 3 HOH 16 216 1144 HOH TIP A . 
E 3 HOH 17 217 1145 HOH TIP A . 
E 3 HOH 18 218 2001 HOH TIP A . 
E 3 HOH 19 219 2002 HOH TIP A . 
E 3 HOH 20 220 2003 HOH TIP A . 
E 3 HOH 21 221 2004 HOH TIP A . 
E 3 HOH 22 222 2005 HOH TIP A . 
E 3 HOH 23 223 2006 HOH TIP A . 
E 3 HOH 24 224 2007 HOH TIP A . 
E 3 HOH 25 225 2008 HOH TIP A . 
E 3 HOH 26 226 2009 HOH TIP A . 
E 3 HOH 27 227 2010 HOH TIP A . 
E 3 HOH 28 228 2011 HOH TIP A . 
E 3 HOH 29 229 2012 HOH TIP A . 
E 3 HOH 30 230 2013 HOH TIP A . 
E 3 HOH 31 231 2014 HOH TIP A . 
E 3 HOH 32 232 2015 HOH TIP A . 
E 3 HOH 33 233 2016 HOH TIP A . 
E 3 HOH 34 234 2017 HOH TIP A . 
E 3 HOH 35 235 2018 HOH TIP A . 
E 3 HOH 36 236 2019 HOH TIP A . 
E 3 HOH 37 237 2020 HOH TIP A . 
E 3 HOH 38 238 2021 HOH TIP A . 
E 3 HOH 39 239 2022 HOH TIP A . 
E 3 HOH 40 240 2023 HOH TIP A . 
E 3 HOH 41 241 2024 HOH TIP A . 
E 3 HOH 42 242 2025 HOH TIP A . 
E 3 HOH 43 243 2026 HOH TIP A . 
E 3 HOH 44 244 2027 HOH TIP A . 
E 3 HOH 45 245 2028 HOH TIP A . 
E 3 HOH 46 246 2029 HOH TIP A . 
E 3 HOH 47 247 2030 HOH TIP A . 
E 3 HOH 48 248 2031 HOH TIP A . 
E 3 HOH 49 249 2032 HOH TIP A . 
E 3 HOH 50 250 2033 HOH TIP A . 
E 3 HOH 51 251 2034 HOH TIP A . 
E 3 HOH 52 252 2035 HOH TIP A . 
E 3 HOH 53 253 2036 HOH TIP A . 
E 3 HOH 54 254 2037 HOH TIP A . 
E 3 HOH 55 255 2038 HOH TIP A . 
E 3 HOH 56 256 2039 HOH TIP A . 
E 3 HOH 57 257 2040 HOH TIP A . 
E 3 HOH 58 258 2041 HOH TIP A . 
E 3 HOH 59 259 2042 HOH TIP A . 
E 3 HOH 60 260 2043 HOH TIP A . 
E 3 HOH 61 261 2044 HOH TIP A . 
E 3 HOH 62 262 2045 HOH TIP A . 
E 3 HOH 63 263 2046 HOH TIP A . 
E 3 HOH 64 264 2047 HOH TIP A . 
E 3 HOH 65 265 2048 HOH TIP A . 
E 3 HOH 66 266 2049 HOH TIP A . 
E 3 HOH 67 267 2050 HOH TIP A . 
E 3 HOH 68 268 2051 HOH TIP A . 
E 3 HOH 69 269 2052 HOH TIP A . 
E 3 HOH 70 270 2053 HOH TIP A . 
E 3 HOH 71 271 2054 HOH TIP A . 
E 3 HOH 72 272 2055 HOH TIP A . 
E 3 HOH 73 273 2056 HOH TIP A . 
E 3 HOH 74 274 2057 HOH TIP A . 
E 3 HOH 75 275 2058 HOH TIP A . 
# 
_pdbx_struct_mod_residue.id               1 
_pdbx_struct_mod_residue.label_asym_id    A 
_pdbx_struct_mod_residue.label_comp_id    C34 
_pdbx_struct_mod_residue.label_seq_id     5 
_pdbx_struct_mod_residue.auth_asym_id     A 
_pdbx_struct_mod_residue.auth_comp_id     C34 
_pdbx_struct_mod_residue.auth_seq_id      5 
_pdbx_struct_mod_residue.PDB_ins_code     ? 
_pdbx_struct_mod_residue.parent_comp_id   DC 
_pdbx_struct_mod_residue.details          ? 
# 
_pdbx_struct_assembly.id                   1 
_pdbx_struct_assembly.details              author_defined_assembly 
_pdbx_struct_assembly.method_details       ? 
_pdbx_struct_assembly.oligomeric_details   dimeric 
_pdbx_struct_assembly.oligomeric_count     2 
# 
_pdbx_struct_assembly_gen.assembly_id       1 
_pdbx_struct_assembly_gen.oper_expression   1,2 
_pdbx_struct_assembly_gen.asym_id_list      A,B,C,D,E 
# 
loop_
_pdbx_struct_oper_list.id 
_pdbx_struct_oper_list.type 
_pdbx_struct_oper_list.name 
_pdbx_struct_oper_list.symmetry_operation 
_pdbx_struct_oper_list.matrix[1][1] 
_pdbx_struct_oper_list.matrix[1][2] 
_pdbx_struct_oper_list.matrix[1][3] 
_pdbx_struct_oper_list.vector[1] 
_pdbx_struct_oper_list.matrix[2][1] 
_pdbx_struct_oper_list.matrix[2][2] 
_pdbx_struct_oper_list.matrix[2][3] 
_pdbx_struct_oper_list.vector[2] 
_pdbx_struct_oper_list.matrix[3][1] 
_pdbx_struct_oper_list.matrix[3][2] 
_pdbx_struct_oper_list.matrix[3][3] 
_pdbx_struct_oper_list.vector[3] 
1 'identity operation'         1_555 x,y,z       1.0000000000  0.0000000000  0.0000000000  0.0000000000  0.0000000000  1.0000000000  0.0000000000 0.0000000000 0.0000000000  0.0000000000 1.0000000000 0.0000000000  
2 'crystal symmetry operation' 2_656 -x+1,y,-z+1 -0.4562414533 -0.1255149823 -0.8809595482 -1.8189581830 -0.1255149823 -0.9710275620 0.2033505914 1.5217139784 -0.8809595482 0.2033505914 0.4272690153 -1.3395302470 
# 
loop_
_pdbx_struct_conn_angle.id 
_pdbx_struct_conn_angle.ptnr1_label_atom_id 
_pdbx_struct_conn_angle.ptnr1_label_alt_id 
_pdbx_struct_conn_angle.ptnr1_label_asym_id 
_pdbx_struct_conn_angle.ptnr1_label_comp_id 
_pdbx_struct_conn_angle.ptnr1_label_seq_id 
_pdbx_struct_conn_angle.ptnr1_auth_atom_id 
_pdbx_struct_conn_angle.ptnr1_auth_asym_id 
_pdbx_struct_conn_angle.ptnr1_auth_comp_id 
_pdbx_struct_conn_angle.ptnr1_auth_seq_id 
_pdbx_struct_conn_angle.ptnr1_PDB_ins_code 
_pdbx_struct_conn_angle.ptnr1_symmetry 
_pdbx_struct_conn_angle.ptnr2_label_atom_id 
_pdbx_struct_conn_angle.ptnr2_label_alt_id 
_pdbx_struct_conn_angle.ptnr2_label_asym_id 
_pdbx_struct_conn_angle.ptnr2_label_comp_id 
_pdbx_struct_conn_angle.ptnr2_label_seq_id 
_pdbx_struct_conn_angle.ptnr2_auth_atom_id 
_pdbx_struct_conn_angle.ptnr2_auth_asym_id 
_pdbx_struct_conn_angle.ptnr2_auth_comp_id 
_pdbx_struct_conn_angle.ptnr2_auth_seq_id 
_pdbx_struct_conn_angle.ptnr2_PDB_ins_code 
_pdbx_struct_conn_angle.ptnr2_symmetry 
_pdbx_struct_conn_angle.ptnr3_label_atom_id 
_pdbx_struct_conn_angle.ptnr3_label_alt_id 
_pdbx_struct_conn_angle.ptnr3_label_asym_id 
_pdbx_struct_conn_angle.ptnr3_label_comp_id 
_pdbx_struct_conn_angle.ptnr3_label_seq_id 
_pdbx_struct_conn_angle.ptnr3_auth_atom_id 
_pdbx_struct_conn_angle.ptnr3_auth_asym_id 
_pdbx_struct_conn_angle.ptnr3_auth_comp_id 
_pdbx_struct_conn_angle.ptnr3_auth_seq_id 
_pdbx_struct_conn_angle.ptnr3_PDB_ins_code 
_pdbx_struct_conn_angle.ptnr3_symmetry 
_pdbx_struct_conn_angle.value 
_pdbx_struct_conn_angle.value_esd 
1  OP2 ? A DG  6  ? A DG  6   ? 4_646 CA ? D CA . ? A CA 103 ? 1_555 OP1 ? A DT  7  ? A DT  7   ? 1_555 177.5 ? 
2  OP2 ? A DG  6  ? A DG  6   ? 4_646 CA ? D CA . ? A CA 103 ? 1_555 O   ? E HOH .  ? A HOH 214 ? 1_555 91.5  ? 
3  OP1 ? A DT  7  ? A DT  7   ? 1_555 CA ? D CA . ? A CA 103 ? 1_555 O   ? E HOH .  ? A HOH 214 ? 1_555 85.9  ? 
4  OP2 ? A DG  6  ? A DG  6   ? 4_646 CA ? D CA . ? A CA 103 ? 1_555 O   ? E HOH .  ? A HOH 215 ? 1_555 88.0  ? 
5  OP1 ? A DT  7  ? A DT  7   ? 1_555 CA ? D CA . ? A CA 103 ? 1_555 O   ? E HOH .  ? A HOH 215 ? 1_555 92.4  ? 
6  O   ? E HOH .  ? A HOH 214 ? 1_555 CA ? D CA . ? A CA 103 ? 1_555 O   ? E HOH .  ? A HOH 215 ? 1_555 96.2  ? 
7  OP2 ? A DG  6  ? A DG  6   ? 4_646 CA ? D CA . ? A CA 103 ? 1_555 O   ? E HOH .  ? A HOH 216 ? 1_555 94.7  ? 
8  OP1 ? A DT  7  ? A DT  7   ? 1_555 CA ? D CA . ? A CA 103 ? 1_555 O   ? E HOH .  ? A HOH 216 ? 1_555 85.1  ? 
9  O   ? E HOH .  ? A HOH 214 ? 1_555 CA ? D CA . ? A CA 103 ? 1_555 O   ? E HOH .  ? A HOH 216 ? 1_555 88.9  ? 
10 O   ? E HOH .  ? A HOH 215 ? 1_555 CA ? D CA . ? A CA 103 ? 1_555 O   ? E HOH .  ? A HOH 216 ? 1_555 174.2 ? 
11 OP2 ? A DG  6  ? A DG  6   ? 4_646 CA ? D CA . ? A CA 103 ? 1_555 O   ? E HOH .  ? A HOH 217 ? 1_555 99.8  ? 
12 OP1 ? A DT  7  ? A DT  7   ? 1_555 CA ? D CA . ? A CA 103 ? 1_555 O   ? E HOH .  ? A HOH 217 ? 1_555 82.7  ? 
13 O   ? E HOH .  ? A HOH 214 ? 1_555 CA ? D CA . ? A CA 103 ? 1_555 O   ? E HOH .  ? A HOH 217 ? 1_555 168.3 ? 
14 O   ? E HOH .  ? A HOH 215 ? 1_555 CA ? D CA . ? A CA 103 ? 1_555 O   ? E HOH .  ? A HOH 217 ? 1_555 87.1  ? 
15 O   ? E HOH .  ? A HOH 216 ? 1_555 CA ? D CA . ? A CA 103 ? 1_555 O   ? E HOH .  ? A HOH 217 ? 1_555 87.4  ? 
16 N7  ? A DG  9  ? A DG  9   ? 1_555 CA ? C CA . ? A CA 102 ? 1_555 O6  ? A DG  10 ? A DG  10  ? 1_555 72.0  ? 
17 N7  ? A DG  9  ? A DG  9   ? 1_555 CA ? C CA . ? A CA 102 ? 1_555 O   ? E HOH .  ? A HOH 209 ? 1_555 126.3 ? 
18 O6  ? A DG  10 ? A DG  10  ? 1_555 CA ? C CA . ? A CA 102 ? 1_555 O   ? E HOH .  ? A HOH 209 ? 1_555 54.8  ? 
19 N7  ? A DG  9  ? A DG  9   ? 1_555 CA ? C CA . ? A CA 102 ? 1_555 O   ? E HOH .  ? A HOH 209 ? 2_655 116.1 ? 
20 O6  ? A DG  10 ? A DG  10  ? 1_555 CA ? C CA . ? A CA 102 ? 1_555 O   ? E HOH .  ? A HOH 209 ? 2_655 53.0  ? 
21 O   ? E HOH .  ? A HOH 209 ? 1_555 CA ? C CA . ? A CA 102 ? 1_555 O   ? E HOH .  ? A HOH 209 ? 2_655 21.8  ? 
22 N7  ? A DG  9  ? A DG  9   ? 1_555 CA ? C CA . ? A CA 102 ? 1_555 O   ? E HOH .  ? A HOH 210 ? 1_555 80.3  ? 
23 O6  ? A DG  10 ? A DG  10  ? 1_555 CA ? C CA . ? A CA 102 ? 1_555 O   ? E HOH .  ? A HOH 210 ? 1_555 149.3 ? 
24 O   ? E HOH .  ? A HOH 209 ? 1_555 CA ? C CA . ? A CA 102 ? 1_555 O   ? E HOH .  ? A HOH 210 ? 1_555 147.4 ? 
25 O   ? E HOH .  ? A HOH 209 ? 2_655 CA ? C CA . ? A CA 102 ? 1_555 O   ? E HOH .  ? A HOH 210 ? 1_555 135.8 ? 
26 N7  ? A DG  9  ? A DG  9   ? 1_555 CA ? C CA . ? A CA 102 ? 1_555 O   ? E HOH .  ? A HOH 211 ? 1_555 160.2 ? 
27 O6  ? A DG  10 ? A DG  10  ? 1_555 CA ? C CA . ? A CA 102 ? 1_555 O   ? E HOH .  ? A HOH 211 ? 1_555 105.9 ? 
28 O   ? E HOH .  ? A HOH 209 ? 1_555 CA ? C CA . ? A CA 102 ? 1_555 O   ? E HOH .  ? A HOH 211 ? 1_555 57.6  ? 
29 O   ? E HOH .  ? A HOH 209 ? 2_655 CA ? C CA . ? A CA 102 ? 1_555 O   ? E HOH .  ? A HOH 211 ? 1_555 74.0  ? 
30 O   ? E HOH .  ? A HOH 210 ? 1_555 CA ? C CA . ? A CA 102 ? 1_555 O   ? E HOH .  ? A HOH 211 ? 1_555 104.6 ? 
31 N7  ? A DG  9  ? A DG  9   ? 1_555 CA ? C CA . ? A CA 102 ? 1_555 O   ? E HOH .  ? A HOH 212 ? 1_555 83.3  ? 
32 O6  ? A DG  10 ? A DG  10  ? 1_555 CA ? C CA . ? A CA 102 ? 1_555 O   ? E HOH .  ? A HOH 212 ? 1_555 92.1  ? 
33 O   ? E HOH .  ? A HOH 209 ? 1_555 CA ? C CA . ? A CA 102 ? 1_555 O   ? E HOH .  ? A HOH 212 ? 1_555 103.7 ? 
34 O   ? E HOH .  ? A HOH 209 ? 2_655 CA ? C CA . ? A CA 102 ? 1_555 O   ? E HOH .  ? A HOH 212 ? 1_555 124.0 ? 
35 O   ? E HOH .  ? A HOH 210 ? 1_555 CA ? C CA . ? A CA 102 ? 1_555 O   ? E HOH .  ? A HOH 212 ? 1_555 97.4  ? 
36 O   ? E HOH .  ? A HOH 211 ? 1_555 CA ? C CA . ? A CA 102 ? 1_555 O   ? E HOH .  ? A HOH 212 ? 1_555 77.0  ? 
37 N7  ? A DG  9  ? A DG  9   ? 1_555 CA ? C CA . ? A CA 102 ? 1_555 O   ? E HOH .  ? A HOH 213 ? 1_555 88.4  ? 
38 O6  ? A DG  10 ? A DG  10  ? 1_555 CA ? C CA . ? A CA 102 ? 1_555 O   ? E HOH .  ? A HOH 213 ? 1_555 79.9  ? 
39 O   ? E HOH .  ? A HOH 209 ? 1_555 CA ? C CA . ? A CA 102 ? 1_555 O   ? E HOH .  ? A HOH 213 ? 1_555 76.8  ? 
40 O   ? E HOH .  ? A HOH 209 ? 2_655 CA ? C CA . ? A CA 102 ? 1_555 O   ? E HOH .  ? A HOH 213 ? 1_555 55.4  ? 
41 O   ? E HOH .  ? A HOH 210 ? 1_555 CA ? C CA . ? A CA 102 ? 1_555 O   ? E HOH .  ? A HOH 213 ? 1_555 86.7  ? 
42 O   ? E HOH .  ? A HOH 211 ? 1_555 CA ? C CA . ? A CA 102 ? 1_555 O   ? E HOH .  ? A HOH 213 ? 1_555 110.9 ? 
43 O   ? E HOH .  ? A HOH 212 ? 1_555 CA ? C CA . ? A CA 102 ? 1_555 O   ? E HOH .  ? A HOH 213 ? 1_555 170.0 ? 
44 O   ? E HOH .  ? A HOH 201 ? 4_555 CA ? B CA . ? A CA 101 ? 1_555 O   ? E HOH .  ? A HOH 201 ? 3_555 81.7  ? 
45 O   ? E HOH .  ? A HOH 201 ? 4_555 CA ? B CA . ? A CA 101 ? 1_555 O   ? E HOH .  ? A HOH 202 ? 1_555 80.4  ? 
46 O   ? E HOH .  ? A HOH 201 ? 3_555 CA ? B CA . ? A CA 101 ? 1_555 O   ? E HOH .  ? A HOH 202 ? 1_555 131.9 ? 
47 O   ? E HOH .  ? A HOH 201 ? 4_555 CA ? B CA . ? A CA 101 ? 1_555 O   ? E HOH .  ? A HOH 203 ? 1_555 157.5 ? 
48 O   ? E HOH .  ? A HOH 201 ? 3_555 CA ? B CA . ? A CA 101 ? 1_555 O   ? E HOH .  ? A HOH 203 ? 1_555 100.2 ? 
49 O   ? E HOH .  ? A HOH 202 ? 1_555 CA ? B CA . ? A CA 101 ? 1_555 O   ? E HOH .  ? A HOH 203 ? 1_555 81.9  ? 
50 O   ? E HOH .  ? A HOH 201 ? 4_555 CA ? B CA . ? A CA 101 ? 1_555 O   ? E HOH .  ? A HOH 204 ? 1_555 100.2 ? 
51 O   ? E HOH .  ? A HOH 201 ? 3_555 CA ? B CA . ? A CA 101 ? 1_555 O   ? E HOH .  ? A HOH 204 ? 1_555 144.8 ? 
52 O   ? E HOH .  ? A HOH 202 ? 1_555 CA ? B CA . ? A CA 101 ? 1_555 O   ? E HOH .  ? A HOH 204 ? 1_555 82.4  ? 
53 O   ? E HOH .  ? A HOH 203 ? 1_555 CA ? B CA . ? A CA 101 ? 1_555 O   ? E HOH .  ? A HOH 204 ? 1_555 91.1  ? 
54 O   ? E HOH .  ? A HOH 201 ? 4_555 CA ? B CA . ? A CA 101 ? 1_555 O   ? E HOH .  ? A HOH 204 ? 2_655 130.9 ? 
55 O   ? E HOH .  ? A HOH 201 ? 3_555 CA ? B CA . ? A CA 101 ? 1_555 O   ? E HOH .  ? A HOH 204 ? 2_655 73.2  ? 
56 O   ? E HOH .  ? A HOH 202 ? 1_555 CA ? B CA . ? A CA 101 ? 1_555 O   ? E HOH .  ? A HOH 204 ? 2_655 146.2 ? 
57 O   ? E HOH .  ? A HOH 203 ? 1_555 CA ? B CA . ? A CA 101 ? 1_555 O   ? E HOH .  ? A HOH 204 ? 2_655 70.0  ? 
58 O   ? E HOH .  ? A HOH 204 ? 1_555 CA ? B CA . ? A CA 101 ? 1_555 O   ? E HOH .  ? A HOH 204 ? 2_655 79.8  ? 
# 
loop_
_pdbx_audit_revision_history.ordinal 
_pdbx_audit_revision_history.data_content_type 
_pdbx_audit_revision_history.major_revision 
_pdbx_audit_revision_history.minor_revision 
_pdbx_audit_revision_history.revision_date 
1 'Structure model' 1 0 2007-02-13 
2 'Structure model' 1 1 2008-05-01 
3 'Structure model' 1 2 2011-07-13 
4 'Structure model' 1 3 2014-07-30 
5 'Structure model' 1 4 2017-01-11 
6 'Structure model' 1 5 2023-08-30 
# 
_pdbx_audit_revision_details.ordinal             1 
_pdbx_audit_revision_details.revision_ordinal    1 
_pdbx_audit_revision_details.data_content_type   'Structure model' 
_pdbx_audit_revision_details.provider            repository 
_pdbx_audit_revision_details.type                'Initial release' 
_pdbx_audit_revision_details.description         ? 
_pdbx_audit_revision_details.details             ? 
# 
loop_
_pdbx_audit_revision_group.ordinal 
_pdbx_audit_revision_group.revision_ordinal 
_pdbx_audit_revision_group.data_content_type 
_pdbx_audit_revision_group.group 
1 2 'Structure model' 'Version format compliance' 
2 3 'Structure model' 'Version format compliance' 
3 4 'Structure model' 'Non-polymer description'   
4 4 'Structure model' 'Structure summary'         
5 5 'Structure model' Other                       
6 6 'Structure model' 'Data collection'           
7 6 'Structure model' 'Database references'       
8 6 'Structure model' 'Derived calculations'      
9 6 'Structure model' 'Refinement description'    
# 
loop_
_pdbx_audit_revision_category.ordinal 
_pdbx_audit_revision_category.revision_ordinal 
_pdbx_audit_revision_category.data_content_type 
_pdbx_audit_revision_category.category 
1 6 'Structure model' chem_comp_atom                
2 6 'Structure model' chem_comp_bond                
3 6 'Structure model' database_2                    
4 6 'Structure model' pdbx_initial_refinement_model 
5 6 'Structure model' pdbx_struct_conn_angle        
6 6 'Structure model' struct_conn                   
7 6 'Structure model' struct_conn_type              
8 6 'Structure model' struct_site                   
# 
loop_
_pdbx_audit_revision_item.ordinal 
_pdbx_audit_revision_item.revision_ordinal 
_pdbx_audit_revision_item.data_content_type 
_pdbx_audit_revision_item.item 
1  6 'Structure model' '_database_2.pdbx_DOI'                        
2  6 'Structure model' '_database_2.pdbx_database_accession'         
3  6 'Structure model' '_pdbx_struct_conn_angle.ptnr1_auth_comp_id'  
4  6 'Structure model' '_pdbx_struct_conn_angle.ptnr1_auth_seq_id'   
5  6 'Structure model' '_pdbx_struct_conn_angle.ptnr1_label_asym_id' 
6  6 'Structure model' '_pdbx_struct_conn_angle.ptnr1_label_atom_id' 
7  6 'Structure model' '_pdbx_struct_conn_angle.ptnr1_label_comp_id' 
8  6 'Structure model' '_pdbx_struct_conn_angle.ptnr1_label_seq_id'  
9  6 'Structure model' '_pdbx_struct_conn_angle.ptnr1_symmetry'      
10 6 'Structure model' '_pdbx_struct_conn_angle.ptnr3_auth_comp_id'  
11 6 'Structure model' '_pdbx_struct_conn_angle.ptnr3_auth_seq_id'   
12 6 'Structure model' '_pdbx_struct_conn_angle.ptnr3_label_asym_id' 
13 6 'Structure model' '_pdbx_struct_conn_angle.ptnr3_label_atom_id' 
14 6 'Structure model' '_pdbx_struct_conn_angle.ptnr3_label_comp_id' 
15 6 'Structure model' '_pdbx_struct_conn_angle.ptnr3_label_seq_id'  
16 6 'Structure model' '_pdbx_struct_conn_angle.ptnr3_symmetry'      
17 6 'Structure model' '_pdbx_struct_conn_angle.value'               
18 6 'Structure model' '_struct_conn.conn_type_id'                   
19 6 'Structure model' '_struct_conn.id'                             
20 6 'Structure model' '_struct_conn.pdbx_dist_value'                
21 6 'Structure model' '_struct_conn.pdbx_leaving_atom_flag'         
22 6 'Structure model' '_struct_conn.ptnr1_auth_comp_id'             
23 6 'Structure model' '_struct_conn.ptnr1_auth_seq_id'              
24 6 'Structure model' '_struct_conn.ptnr1_label_asym_id'            
25 6 'Structure model' '_struct_conn.ptnr1_label_atom_id'            
26 6 'Structure model' '_struct_conn.ptnr1_label_comp_id'            
27 6 'Structure model' '_struct_conn.ptnr1_label_seq_id'             
28 6 'Structure model' '_struct_conn.ptnr1_symmetry'                 
29 6 'Structure model' '_struct_conn.ptnr2_auth_comp_id'             
30 6 'Structure model' '_struct_conn.ptnr2_auth_seq_id'              
31 6 'Structure model' '_struct_conn.ptnr2_label_asym_id'            
32 6 'Structure model' '_struct_conn.ptnr2_label_atom_id'            
33 6 'Structure model' '_struct_conn.ptnr2_label_comp_id'            
34 6 'Structure model' '_struct_conn.ptnr2_label_seq_id'             
35 6 'Structure model' '_struct_conn.ptnr2_symmetry'                 
36 6 'Structure model' '_struct_conn_type.id'                        
37 6 'Structure model' '_struct_site.pdbx_auth_asym_id'              
38 6 'Structure model' '_struct_site.pdbx_auth_comp_id'              
39 6 'Structure model' '_struct_site.pdbx_auth_seq_id'               
# 
loop_
_software.name 
_software.classification 
_software.version 
_software.citation_id 
_software.pdbx_ordinal 
CNS       refinement        1.1 ? 1 
CBASS     'data collection' .   ? 2 
DENZO     'data reduction'  .   ? 3 
SCALEPACK 'data scaling'    .   ? 4 
CNS       phasing           .   ? 5 
# 
_pdbx_database_remark.id     600 
_pdbx_database_remark.text   
;HETEROGEN
THIS IS A N4C-ETHYL-N4C CROSSLINKED DNA.
ONLY HALF OF THE ETHYL LINKER IS PRESENT IN THE 
COORDINATES SINCE IT IS LOCATED ON THE TWO-FOLD AXES.
;
# 
loop_
_chem_comp_atom.comp_id 
_chem_comp_atom.atom_id 
_chem_comp_atom.type_symbol 
_chem_comp_atom.pdbx_aromatic_flag 
_chem_comp_atom.pdbx_stereo_config 
_chem_comp_atom.pdbx_ordinal 
C34 P      P  N N 1   
C34 OP1    O  N N 2   
C34 OP2    O  N N 3   
C34 OP3    O  N N 4   
C34 "O5'"  O  N N 5   
C34 "C5'"  C  N N 6   
C34 "C4'"  C  N R 7   
C34 "O4'"  O  N N 8   
C34 "C1'"  C  N R 9   
C34 N1     N  N N 10  
C34 C6     C  N N 11  
C34 C2     C  N N 12  
C34 O2     O  N N 13  
C34 N3     N  N N 14  
C34 C4     C  N N 15  
C34 N4     N  N N 16  
C34 C7     C  N N 17  
C34 C5     C  N N 18  
C34 "C2'"  C  N N 19  
C34 "C3'"  C  N S 20  
C34 "O3'"  O  N N 21  
C34 HOP2   H  N N 22  
C34 HOP3   H  N N 23  
C34 "H5'"  H  N N 24  
C34 "H5''" H  N N 25  
C34 "H4'"  H  N N 26  
C34 "H1'"  H  N N 27  
C34 H6     H  N N 28  
C34 H4     H  N N 29  
C34 H7C1   H  N N 30  
C34 H7C2   H  N N 31  
C34 H7C3   H  N N 32  
C34 H5     H  N N 33  
C34 "H2'"  H  N N 34  
C34 "H2''" H  N N 35  
C34 "H3'"  H  N N 36  
C34 "HO3'" H  N N 37  
CA  CA     CA N N 38  
DA  OP3    O  N N 39  
DA  P      P  N N 40  
DA  OP1    O  N N 41  
DA  OP2    O  N N 42  
DA  "O5'"  O  N N 43  
DA  "C5'"  C  N N 44  
DA  "C4'"  C  N R 45  
DA  "O4'"  O  N N 46  
DA  "C3'"  C  N S 47  
DA  "O3'"  O  N N 48  
DA  "C2'"  C  N N 49  
DA  "C1'"  C  N R 50  
DA  N9     N  Y N 51  
DA  C8     C  Y N 52  
DA  N7     N  Y N 53  
DA  C5     C  Y N 54  
DA  C6     C  Y N 55  
DA  N6     N  N N 56  
DA  N1     N  Y N 57  
DA  C2     C  Y N 58  
DA  N3     N  Y N 59  
DA  C4     C  Y N 60  
DA  HOP3   H  N N 61  
DA  HOP2   H  N N 62  
DA  "H5'"  H  N N 63  
DA  "H5''" H  N N 64  
DA  "H4'"  H  N N 65  
DA  "H3'"  H  N N 66  
DA  "HO3'" H  N N 67  
DA  "H2'"  H  N N 68  
DA  "H2''" H  N N 69  
DA  "H1'"  H  N N 70  
DA  H8     H  N N 71  
DA  H61    H  N N 72  
DA  H62    H  N N 73  
DA  H2     H  N N 74  
DC  OP3    O  N N 75  
DC  P      P  N N 76  
DC  OP1    O  N N 77  
DC  OP2    O  N N 78  
DC  "O5'"  O  N N 79  
DC  "C5'"  C  N N 80  
DC  "C4'"  C  N R 81  
DC  "O4'"  O  N N 82  
DC  "C3'"  C  N S 83  
DC  "O3'"  O  N N 84  
DC  "C2'"  C  N N 85  
DC  "C1'"  C  N R 86  
DC  N1     N  N N 87  
DC  C2     C  N N 88  
DC  O2     O  N N 89  
DC  N3     N  N N 90  
DC  C4     C  N N 91  
DC  N4     N  N N 92  
DC  C5     C  N N 93  
DC  C6     C  N N 94  
DC  HOP3   H  N N 95  
DC  HOP2   H  N N 96  
DC  "H5'"  H  N N 97  
DC  "H5''" H  N N 98  
DC  "H4'"  H  N N 99  
DC  "H3'"  H  N N 100 
DC  "HO3'" H  N N 101 
DC  "H2'"  H  N N 102 
DC  "H2''" H  N N 103 
DC  "H1'"  H  N N 104 
DC  H41    H  N N 105 
DC  H42    H  N N 106 
DC  H5     H  N N 107 
DC  H6     H  N N 108 
DG  OP3    O  N N 109 
DG  P      P  N N 110 
DG  OP1    O  N N 111 
DG  OP2    O  N N 112 
DG  "O5'"  O  N N 113 
DG  "C5'"  C  N N 114 
DG  "C4'"  C  N R 115 
DG  "O4'"  O  N N 116 
DG  "C3'"  C  N S 117 
DG  "O3'"  O  N N 118 
DG  "C2'"  C  N N 119 
DG  "C1'"  C  N R 120 
DG  N9     N  Y N 121 
DG  C8     C  Y N 122 
DG  N7     N  Y N 123 
DG  C5     C  Y N 124 
DG  C6     C  N N 125 
DG  O6     O  N N 126 
DG  N1     N  N N 127 
DG  C2     C  N N 128 
DG  N2     N  N N 129 
DG  N3     N  N N 130 
DG  C4     C  Y N 131 
DG  HOP3   H  N N 132 
DG  HOP2   H  N N 133 
DG  "H5'"  H  N N 134 
DG  "H5''" H  N N 135 
DG  "H4'"  H  N N 136 
DG  "H3'"  H  N N 137 
DG  "HO3'" H  N N 138 
DG  "H2'"  H  N N 139 
DG  "H2''" H  N N 140 
DG  "H1'"  H  N N 141 
DG  H8     H  N N 142 
DG  H1     H  N N 143 
DG  H21    H  N N 144 
DG  H22    H  N N 145 
DT  OP3    O  N N 146 
DT  P      P  N N 147 
DT  OP1    O  N N 148 
DT  OP2    O  N N 149 
DT  "O5'"  O  N N 150 
DT  "C5'"  C  N N 151 
DT  "C4'"  C  N R 152 
DT  "O4'"  O  N N 153 
DT  "C3'"  C  N S 154 
DT  "O3'"  O  N N 155 
DT  "C2'"  C  N N 156 
DT  "C1'"  C  N R 157 
DT  N1     N  N N 158 
DT  C2     C  N N 159 
DT  O2     O  N N 160 
DT  N3     N  N N 161 
DT  C4     C  N N 162 
DT  O4     O  N N 163 
DT  C5     C  N N 164 
DT  C7     C  N N 165 
DT  C6     C  N N 166 
DT  HOP3   H  N N 167 
DT  HOP2   H  N N 168 
DT  "H5'"  H  N N 169 
DT  "H5''" H  N N 170 
DT  "H4'"  H  N N 171 
DT  "H3'"  H  N N 172 
DT  "HO3'" H  N N 173 
DT  "H2'"  H  N N 174 
DT  "H2''" H  N N 175 
DT  "H1'"  H  N N 176 
DT  H3     H  N N 177 
DT  H71    H  N N 178 
DT  H72    H  N N 179 
DT  H73    H  N N 180 
DT  H6     H  N N 181 
HOH O      O  N N 182 
HOH H1     H  N N 183 
HOH H2     H  N N 184 
# 
loop_
_chem_comp_bond.comp_id 
_chem_comp_bond.atom_id_1 
_chem_comp_bond.atom_id_2 
_chem_comp_bond.value_order 
_chem_comp_bond.pdbx_aromatic_flag 
_chem_comp_bond.pdbx_stereo_config 
_chem_comp_bond.pdbx_ordinal 
C34 P     OP1    doub N N 1   
C34 P     OP2    sing N N 2   
C34 P     OP3    sing N N 3   
C34 P     "O5'"  sing N N 4   
C34 OP2   HOP2   sing N N 5   
C34 OP3   HOP3   sing N N 6   
C34 "O5'" "C5'"  sing N N 7   
C34 "C5'" "C4'"  sing N N 8   
C34 "C5'" "H5'"  sing N N 9   
C34 "C5'" "H5''" sing N N 10  
C34 "C4'" "O4'"  sing N N 11  
C34 "C4'" "C3'"  sing N N 12  
C34 "C4'" "H4'"  sing N N 13  
C34 "O4'" "C1'"  sing N N 14  
C34 "C1'" N1     sing N N 15  
C34 "C1'" "C2'"  sing N N 16  
C34 "C1'" "H1'"  sing N N 17  
C34 N1    C6     sing N N 18  
C34 N1    C2     sing N N 19  
C34 C6    C5     doub N N 20  
C34 C6    H6     sing N N 21  
C34 C2    O2     doub N N 22  
C34 C2    N3     sing N N 23  
C34 N3    C4     doub N N 24  
C34 C4    N4     sing N N 25  
C34 C4    C5     sing N N 26  
C34 N4    C7     sing N N 27  
C34 N4    H4     sing N N 28  
C34 C7    H7C1   sing N N 29  
C34 C7    H7C2   sing N N 30  
C34 C7    H7C3   sing N N 31  
C34 C5    H5     sing N N 32  
C34 "C2'" "C3'"  sing N N 33  
C34 "C2'" "H2'"  sing N N 34  
C34 "C2'" "H2''" sing N N 35  
C34 "C3'" "O3'"  sing N N 36  
C34 "C3'" "H3'"  sing N N 37  
C34 "O3'" "HO3'" sing N N 38  
DA  OP3   P      sing N N 39  
DA  OP3   HOP3   sing N N 40  
DA  P     OP1    doub N N 41  
DA  P     OP2    sing N N 42  
DA  P     "O5'"  sing N N 43  
DA  OP2   HOP2   sing N N 44  
DA  "O5'" "C5'"  sing N N 45  
DA  "C5'" "C4'"  sing N N 46  
DA  "C5'" "H5'"  sing N N 47  
DA  "C5'" "H5''" sing N N 48  
DA  "C4'" "O4'"  sing N N 49  
DA  "C4'" "C3'"  sing N N 50  
DA  "C4'" "H4'"  sing N N 51  
DA  "O4'" "C1'"  sing N N 52  
DA  "C3'" "O3'"  sing N N 53  
DA  "C3'" "C2'"  sing N N 54  
DA  "C3'" "H3'"  sing N N 55  
DA  "O3'" "HO3'" sing N N 56  
DA  "C2'" "C1'"  sing N N 57  
DA  "C2'" "H2'"  sing N N 58  
DA  "C2'" "H2''" sing N N 59  
DA  "C1'" N9     sing N N 60  
DA  "C1'" "H1'"  sing N N 61  
DA  N9    C8     sing Y N 62  
DA  N9    C4     sing Y N 63  
DA  C8    N7     doub Y N 64  
DA  C8    H8     sing N N 65  
DA  N7    C5     sing Y N 66  
DA  C5    C6     sing Y N 67  
DA  C5    C4     doub Y N 68  
DA  C6    N6     sing N N 69  
DA  C6    N1     doub Y N 70  
DA  N6    H61    sing N N 71  
DA  N6    H62    sing N N 72  
DA  N1    C2     sing Y N 73  
DA  C2    N3     doub Y N 74  
DA  C2    H2     sing N N 75  
DA  N3    C4     sing Y N 76  
DC  OP3   P      sing N N 77  
DC  OP3   HOP3   sing N N 78  
DC  P     OP1    doub N N 79  
DC  P     OP2    sing N N 80  
DC  P     "O5'"  sing N N 81  
DC  OP2   HOP2   sing N N 82  
DC  "O5'" "C5'"  sing N N 83  
DC  "C5'" "C4'"  sing N N 84  
DC  "C5'" "H5'"  sing N N 85  
DC  "C5'" "H5''" sing N N 86  
DC  "C4'" "O4'"  sing N N 87  
DC  "C4'" "C3'"  sing N N 88  
DC  "C4'" "H4'"  sing N N 89  
DC  "O4'" "C1'"  sing N N 90  
DC  "C3'" "O3'"  sing N N 91  
DC  "C3'" "C2'"  sing N N 92  
DC  "C3'" "H3'"  sing N N 93  
DC  "O3'" "HO3'" sing N N 94  
DC  "C2'" "C1'"  sing N N 95  
DC  "C2'" "H2'"  sing N N 96  
DC  "C2'" "H2''" sing N N 97  
DC  "C1'" N1     sing N N 98  
DC  "C1'" "H1'"  sing N N 99  
DC  N1    C2     sing N N 100 
DC  N1    C6     sing N N 101 
DC  C2    O2     doub N N 102 
DC  C2    N3     sing N N 103 
DC  N3    C4     doub N N 104 
DC  C4    N4     sing N N 105 
DC  C4    C5     sing N N 106 
DC  N4    H41    sing N N 107 
DC  N4    H42    sing N N 108 
DC  C5    C6     doub N N 109 
DC  C5    H5     sing N N 110 
DC  C6    H6     sing N N 111 
DG  OP3   P      sing N N 112 
DG  OP3   HOP3   sing N N 113 
DG  P     OP1    doub N N 114 
DG  P     OP2    sing N N 115 
DG  P     "O5'"  sing N N 116 
DG  OP2   HOP2   sing N N 117 
DG  "O5'" "C5'"  sing N N 118 
DG  "C5'" "C4'"  sing N N 119 
DG  "C5'" "H5'"  sing N N 120 
DG  "C5'" "H5''" sing N N 121 
DG  "C4'" "O4'"  sing N N 122 
DG  "C4'" "C3'"  sing N N 123 
DG  "C4'" "H4'"  sing N N 124 
DG  "O4'" "C1'"  sing N N 125 
DG  "C3'" "O3'"  sing N N 126 
DG  "C3'" "C2'"  sing N N 127 
DG  "C3'" "H3'"  sing N N 128 
DG  "O3'" "HO3'" sing N N 129 
DG  "C2'" "C1'"  sing N N 130 
DG  "C2'" "H2'"  sing N N 131 
DG  "C2'" "H2''" sing N N 132 
DG  "C1'" N9     sing N N 133 
DG  "C1'" "H1'"  sing N N 134 
DG  N9    C8     sing Y N 135 
DG  N9    C4     sing Y N 136 
DG  C8    N7     doub Y N 137 
DG  C8    H8     sing N N 138 
DG  N7    C5     sing Y N 139 
DG  C5    C6     sing N N 140 
DG  C5    C4     doub Y N 141 
DG  C6    O6     doub N N 142 
DG  C6    N1     sing N N 143 
DG  N1    C2     sing N N 144 
DG  N1    H1     sing N N 145 
DG  C2    N2     sing N N 146 
DG  C2    N3     doub N N 147 
DG  N2    H21    sing N N 148 
DG  N2    H22    sing N N 149 
DG  N3    C4     sing N N 150 
DT  OP3   P      sing N N 151 
DT  OP3   HOP3   sing N N 152 
DT  P     OP1    doub N N 153 
DT  P     OP2    sing N N 154 
DT  P     "O5'"  sing N N 155 
DT  OP2   HOP2   sing N N 156 
DT  "O5'" "C5'"  sing N N 157 
DT  "C5'" "C4'"  sing N N 158 
DT  "C5'" "H5'"  sing N N 159 
DT  "C5'" "H5''" sing N N 160 
DT  "C4'" "O4'"  sing N N 161 
DT  "C4'" "C3'"  sing N N 162 
DT  "C4'" "H4'"  sing N N 163 
DT  "O4'" "C1'"  sing N N 164 
DT  "C3'" "O3'"  sing N N 165 
DT  "C3'" "C2'"  sing N N 166 
DT  "C3'" "H3'"  sing N N 167 
DT  "O3'" "HO3'" sing N N 168 
DT  "C2'" "C1'"  sing N N 169 
DT  "C2'" "H2'"  sing N N 170 
DT  "C2'" "H2''" sing N N 171 
DT  "C1'" N1     sing N N 172 
DT  "C1'" "H1'"  sing N N 173 
DT  N1    C2     sing N N 174 
DT  N1    C6     sing N N 175 
DT  C2    O2     doub N N 176 
DT  C2    N3     sing N N 177 
DT  N3    C4     sing N N 178 
DT  N3    H3     sing N N 179 
DT  C4    O4     doub N N 180 
DT  C4    C5     sing N N 181 
DT  C5    C7     sing N N 182 
DT  C5    C6     doub N N 183 
DT  C7    H71    sing N N 184 
DT  C7    H72    sing N N 185 
DT  C7    H73    sing N N 186 
DT  C6    H6     sing N N 187 
HOH O     H1     sing N N 188 
HOH O     H2     sing N N 189 
# 
loop_
_ndb_struct_conf_na.entry_id 
_ndb_struct_conf_na.feature 
2OKS 'double helix'         
2OKS 'b-form double helix'  
2OKS 'mismatched base pair' 
# 
loop_
_ndb_struct_na_base_pair.model_number 
_ndb_struct_na_base_pair.i_label_asym_id 
_ndb_struct_na_base_pair.i_label_comp_id 
_ndb_struct_na_base_pair.i_label_seq_id 
_ndb_struct_na_base_pair.i_symmetry 
_ndb_struct_na_base_pair.j_label_asym_id 
_ndb_struct_na_base_pair.j_label_comp_id 
_ndb_struct_na_base_pair.j_label_seq_id 
_ndb_struct_na_base_pair.j_symmetry 
_ndb_struct_na_base_pair.shear 
_ndb_struct_na_base_pair.stretch 
_ndb_struct_na_base_pair.stagger 
_ndb_struct_na_base_pair.buckle 
_ndb_struct_na_base_pair.propeller 
_ndb_struct_na_base_pair.opening 
_ndb_struct_na_base_pair.pair_number 
_ndb_struct_na_base_pair.pair_name 
_ndb_struct_na_base_pair.i_auth_asym_id 
_ndb_struct_na_base_pair.i_auth_seq_id 
_ndb_struct_na_base_pair.i_PDB_ins_code 
_ndb_struct_na_base_pair.j_auth_asym_id 
_ndb_struct_na_base_pair.j_auth_seq_id 
_ndb_struct_na_base_pair.j_PDB_ins_code 
_ndb_struct_na_base_pair.hbond_type_28 
_ndb_struct_na_base_pair.hbond_type_12 
1 A DC  1  1_555 A DG  10 2_656 0.318  -0.047 0.131 -7.206 -11.632 -0.936 1  A_DC1:DG10_A A 1  ? A 10 ? 19 1 
1 A DC  2  1_555 A DG  9  2_656 0.376  -0.167 0.252 1.746  -11.703 0.087  2  A_DC2:DG9_A  A 2  ? A 9  ? 19 1 
1 A DA  3  1_555 A DT  8  2_656 -0.050 -0.173 0.312 -1.291 -11.347 4.067  3  A_DA3:DT8_A  A 3  ? A 8  ? 20 1 
1 A DA  4  1_555 A DT  7  2_656 0.231  -0.069 0.223 -0.183 -18.113 4.930  4  A_DA4:DT7_A  A 4  ? A 7  ? 20 1 
1 A C34 5  1_555 A DG  6  2_656 0.223  -0.057 0.138 -4.211 -20.346 0.007  5  A_C345:DG6_A A 5  ? A 6  ? 19 1 
1 A DG  6  1_555 A C34 5  2_656 -0.223 -0.057 0.138 4.211  -20.346 0.007  6  A_DG6:C345_A A 6  ? A 5  ? 19 1 
1 A DT  7  1_555 A DA  4  2_656 -0.231 -0.069 0.223 0.183  -18.113 4.930  7  A_DT7:DA4_A  A 7  ? A 4  ? 20 1 
1 A DT  8  1_555 A DA  3  2_656 0.050  -0.173 0.312 1.291  -11.347 4.067  8  A_DT8:DA3_A  A 8  ? A 3  ? 20 1 
1 A DG  9  1_555 A DC  2  2_656 -0.376 -0.167 0.252 -1.746 -11.703 0.087  9  A_DG9:DC2_A  A 9  ? A 2  ? 19 1 
1 A DG  10 1_555 A DC  1  2_656 -0.318 -0.047 0.131 7.206  -11.632 -0.936 10 A_DG10:DC1_A A 10 ? A 1  ? 19 1 
# 
loop_
_ndb_struct_na_base_pair_step.model_number 
_ndb_struct_na_base_pair_step.i_label_asym_id_1 
_ndb_struct_na_base_pair_step.i_label_comp_id_1 
_ndb_struct_na_base_pair_step.i_label_seq_id_1 
_ndb_struct_na_base_pair_step.i_symmetry_1 
_ndb_struct_na_base_pair_step.j_label_asym_id_1 
_ndb_struct_na_base_pair_step.j_label_comp_id_1 
_ndb_struct_na_base_pair_step.j_label_seq_id_1 
_ndb_struct_na_base_pair_step.j_symmetry_1 
_ndb_struct_na_base_pair_step.i_label_asym_id_2 
_ndb_struct_na_base_pair_step.i_label_comp_id_2 
_ndb_struct_na_base_pair_step.i_label_seq_id_2 
_ndb_struct_na_base_pair_step.i_symmetry_2 
_ndb_struct_na_base_pair_step.j_label_asym_id_2 
_ndb_struct_na_base_pair_step.j_label_comp_id_2 
_ndb_struct_na_base_pair_step.j_label_seq_id_2 
_ndb_struct_na_base_pair_step.j_symmetry_2 
_ndb_struct_na_base_pair_step.shift 
_ndb_struct_na_base_pair_step.slide 
_ndb_struct_na_base_pair_step.rise 
_ndb_struct_na_base_pair_step.tilt 
_ndb_struct_na_base_pair_step.roll 
_ndb_struct_na_base_pair_step.twist 
_ndb_struct_na_base_pair_step.x_displacement 
_ndb_struct_na_base_pair_step.y_displacement 
_ndb_struct_na_base_pair_step.helical_rise 
_ndb_struct_na_base_pair_step.inclination 
_ndb_struct_na_base_pair_step.tip 
_ndb_struct_na_base_pair_step.helical_twist 
_ndb_struct_na_base_pair_step.step_number 
_ndb_struct_na_base_pair_step.step_name 
_ndb_struct_na_base_pair_step.i_auth_asym_id_1 
_ndb_struct_na_base_pair_step.i_auth_seq_id_1 
_ndb_struct_na_base_pair_step.i_PDB_ins_code_1 
_ndb_struct_na_base_pair_step.j_auth_asym_id_1 
_ndb_struct_na_base_pair_step.j_auth_seq_id_1 
_ndb_struct_na_base_pair_step.j_PDB_ins_code_1 
_ndb_struct_na_base_pair_step.i_auth_asym_id_2 
_ndb_struct_na_base_pair_step.i_auth_seq_id_2 
_ndb_struct_na_base_pair_step.i_PDB_ins_code_2 
_ndb_struct_na_base_pair_step.j_auth_asym_id_2 
_ndb_struct_na_base_pair_step.j_auth_seq_id_2 
_ndb_struct_na_base_pair_step.j_PDB_ins_code_2 
1 A DC  1 1_555 A DG  10 2_656 A DC  2  1_555 A DG  9 2_656 -0.516 0.787  3.123 2.086  11.183  28.024 -0.755 1.414  3.153 21.981  
-4.100 30.202 1 AA_DC1DC2:DG9DG10_AA  A 1 ? A 10 ? A 2  ? A 9 ? 
1 A DC  2 1_555 A DG  9  2_656 A DA  3  1_555 A DT  8 2_656 0.363  2.852  3.381 -0.053 -10.862 50.139 4.008  -0.423 2.748 -12.647 
0.062  51.228 2 AA_DC2DA3:DT8DG9_AA   A 2 ? A 9  ? A 3  ? A 8 ? 
1 A DA  3 1_555 A DT  8  2_656 A DA  4  1_555 A DT  7 2_656 0.279  0.341  3.372 0.837  8.392   32.446 -0.854 -0.340 3.359 14.710  
-1.467 33.495 3 AA_DA3DA4:DT7DT8_AA   A 3 ? A 8  ? A 4  ? A 7 ? 
1 A DA  4 1_555 A DT  7  2_656 A C34 5  1_555 A DG  6 2_656 0.526  -0.484 3.336 1.406  -2.997  29.072 -0.288 -0.727 3.388 -5.946  
-2.790 29.256 4 AA_DA4C345:DG6DT7_AA  A 4 ? A 7  ? A 5  ? A 6 ? 
1 A C34 5 1_555 A DG  6  2_656 A DG  6  1_555 A C34 5 2_656 0.000  0.523  3.289 0.000  14.286  39.548 -0.811 0.000  3.280 20.326  
0.000  41.952 5 AA_C345DG6:C345DG6_AA A 5 ? A 6  ? A 6  ? A 5 ? 
1 A DG  6 1_555 A C34 5  2_656 A DT  7  1_555 A DA  4 2_656 -0.526 -0.484 3.336 -1.406 -2.997  29.072 -0.288 0.727  3.388 -5.946  
2.790  29.256 6 AA_DG6DT7:DA4C345_AA  A 6 ? A 5  ? A 7  ? A 4 ? 
1 A DT  7 1_555 A DA  4  2_656 A DT  8  1_555 A DA  3 2_656 -0.279 0.341  3.372 -0.837 8.392   32.446 -0.854 0.340  3.359 14.710  
1.467  33.495 7 AA_DT7DT8:DA3DA4_AA   A 7 ? A 4  ? A 8  ? A 3 ? 
1 A DT  8 1_555 A DA  3  2_656 A DG  9  1_555 A DC  2 2_656 -0.363 2.852  3.381 0.053  -10.862 50.139 4.008  0.423  2.748 -12.647 
-0.062 51.228 8 AA_DT8DG9:DC2DA3_AA   A 8 ? A 3  ? A 9  ? A 2 ? 
1 A DG  9 1_555 A DC  2  2_656 A DG  10 1_555 A DC  1 2_656 0.516  0.787  3.123 -2.086 11.183  28.024 -0.755 -1.414 3.153 21.981  
4.100  30.202 9 AA_DG9DG10:DC1DC2_AA  A 9 ? A 2  ? A 10 ? A 1 ? 
# 
loop_
_pdbx_entity_nonpoly.entity_id 
_pdbx_entity_nonpoly.name 
_pdbx_entity_nonpoly.comp_id 
2 'CALCIUM ION' CA  
3 water         HOH 
# 
_pdbx_initial_refinement_model.id               1 
_pdbx_initial_refinement_model.entity_id_list   ? 
_pdbx_initial_refinement_model.type             'experimental model' 
_pdbx_initial_refinement_model.source_name      PDB 
_pdbx_initial_refinement_model.accession_code   1EN8 
_pdbx_initial_refinement_model.details          'PDB ENTRY 1EN8' 
# 
